data_312D
# 
_entry.id   312D 
# 
_audit_conform.dict_name       mmcif_pdbx.dic 
_audit_conform.dict_version    5.389 
_audit_conform.dict_location   http://mmcif.pdb.org/dictionaries/ascii/mmcif_pdbx.dic 
# 
loop_
_database_2.database_id 
_database_2.database_code 
_database_2.pdbx_database_accession 
_database_2.pdbx_DOI 
PDB   312D         pdb_0000312d 10.2210/pdb312d/pdb 
RCSB  ZDG054       ?            ?                   
WWPDB D_1000178780 ?            ?                   
# 
loop_
_pdbx_audit_revision_history.ordinal 
_pdbx_audit_revision_history.data_content_type 
_pdbx_audit_revision_history.major_revision 
_pdbx_audit_revision_history.minor_revision 
_pdbx_audit_revision_history.revision_date 
1 'Structure model' 1 0 1997-08-28 
2 'Structure model' 1 1 2008-05-22 
3 'Structure model' 1 2 2011-07-13 
4 'Structure model' 1 3 2024-02-21 
5 'Structure model' 1 4 2024-04-03 
# 
_pdbx_audit_revision_details.ordinal             1 
_pdbx_audit_revision_details.revision_ordinal    1 
_pdbx_audit_revision_details.data_content_type   'Structure model' 
_pdbx_audit_revision_details.provider            repository 
_pdbx_audit_revision_details.type                'Initial release' 
_pdbx_audit_revision_details.description         ? 
_pdbx_audit_revision_details.details             ? 
# 
loop_
_pdbx_audit_revision_group.ordinal 
_pdbx_audit_revision_group.revision_ordinal 
_pdbx_audit_revision_group.data_content_type 
_pdbx_audit_revision_group.group 
1 2 'Structure model' 'Version format compliance' 
2 3 'Structure model' 'Version format compliance' 
3 4 'Structure model' 'Data collection'           
4 4 'Structure model' 'Database references'       
5 4 'Structure model' 'Derived calculations'      
6 5 'Structure model' 'Refinement description'    
# 
loop_
_pdbx_audit_revision_category.ordinal 
_pdbx_audit_revision_category.revision_ordinal 
_pdbx_audit_revision_category.data_content_type 
_pdbx_audit_revision_category.category 
1 4 'Structure model' chem_comp_atom                
2 4 'Structure model' chem_comp_bond                
3 4 'Structure model' database_2                    
4 4 'Structure model' pdbx_struct_conn_angle        
5 4 'Structure model' struct_conn                   
6 4 'Structure model' struct_site                   
7 5 'Structure model' pdbx_initial_refinement_model 
# 
loop_
_pdbx_audit_revision_item.ordinal 
_pdbx_audit_revision_item.revision_ordinal 
_pdbx_audit_revision_item.data_content_type 
_pdbx_audit_revision_item.item 
1  4 'Structure model' '_database_2.pdbx_DOI'                      
2  4 'Structure model' '_database_2.pdbx_database_accession'       
3  4 'Structure model' '_pdbx_struct_conn_angle.ptnr1_auth_seq_id' 
4  4 'Structure model' '_pdbx_struct_conn_angle.ptnr3_auth_seq_id' 
5  4 'Structure model' '_pdbx_struct_conn_angle.value'             
6  4 'Structure model' '_struct_conn.pdbx_dist_value'              
7  4 'Structure model' '_struct_conn.ptnr2_auth_seq_id'            
8  4 'Structure model' '_struct_site.pdbx_auth_asym_id'            
9  4 'Structure model' '_struct_site.pdbx_auth_comp_id'            
10 4 'Structure model' '_struct_site.pdbx_auth_seq_id'             
# 
_pdbx_database_status.status_code                     REL 
_pdbx_database_status.entry_id                        312D 
_pdbx_database_status.recvd_initial_deposition_date   1997-02-04 
_pdbx_database_status.deposit_site                    NDB 
_pdbx_database_status.process_site                    NDB 
_pdbx_database_status.status_code_sf                  REL 
_pdbx_database_status.status_code_mr                  ? 
_pdbx_database_status.SG_entry                        ? 
_pdbx_database_status.pdb_format_compatible           Y 
_pdbx_database_status.status_code_cs                  ? 
_pdbx_database_status.status_code_nmr_data            ? 
_pdbx_database_status.methods_development_category    ? 
# 
loop_
_audit_author.name 
_audit_author.pdbx_ordinal 
'Mooers, B.H.M.' 1 
'Eichman, B.F.'  2 
'Ho, P.S.'       3 
# 
_citation.id                        primary 
_citation.title                     
;The structures and relative stabilities of d(G x G) reverse Hoogsteen, d(G x T) reverse wobble, and d(G x C) reverse Watson-Crick base-pairs in DNA crystals.
;
_citation.journal_abbrev            J.Mol.Biol. 
_citation.journal_volume            269 
_citation.page_first                796 
_citation.page_last                 810 
_citation.year                      1997 
_citation.journal_id_ASTM           JMOBAK 
_citation.country                   UK 
_citation.journal_id_ISSN           0022-2836 
_citation.journal_id_CSD            0070 
_citation.book_publisher            ? 
_citation.pdbx_database_id_PubMed   9223642 
_citation.pdbx_database_id_DOI      10.1006/jmbi.1997.1100 
# 
loop_
_citation_author.citation_id 
_citation_author.name 
_citation_author.ordinal 
_citation_author.identifier_ORCID 
primary 'Mooers, B.H.'  1 ? 
primary 'Eichman, B.F.' 2 ? 
primary 'Ho, P.S.'      3 ? 
# 
loop_
_entity.id 
_entity.type 
_entity.src_method 
_entity.pdbx_description 
_entity.formula_weight 
_entity.pdbx_number_of_molecules 
_entity.pdbx_ec 
_entity.pdbx_mutation 
_entity.pdbx_fragment 
_entity.details 
1 polymer     syn 
;DNA (5'-D(*GP*CP*GP*CP*GP*CP*G)-3')
;
2139.411 1  ? ? ? ? 
2 polymer     syn 
;DNA (5'-D(*CP*CP*GP*CP*GP*CP*G)-3')
;
2099.387 1  ? ? ? ? 
3 non-polymer syn 'MAGNESIUM ION'                       24.305   1  ? ? ? ? 
4 non-polymer syn 'COBALT HEXAMMINE(III)'               161.116  1  ? ? ? ? 
5 water       nat water                                 18.015   69 ? ? ? ? 
# 
loop_
_entity_poly.entity_id 
_entity_poly.type 
_entity_poly.nstd_linkage 
_entity_poly.nstd_monomer 
_entity_poly.pdbx_seq_one_letter_code 
_entity_poly.pdbx_seq_one_letter_code_can 
_entity_poly.pdbx_strand_id 
_entity_poly.pdbx_target_identifier 
1 polydeoxyribonucleotide no no '(DG)(DC)(DG)(DC)(DG)(DC)(DG)' GCGCGCG A ? 
2 polydeoxyribonucleotide no no '(DC)(DC)(DG)(DC)(DG)(DC)(DG)' CCGCGCG B ? 
# 
loop_
_pdbx_entity_nonpoly.entity_id 
_pdbx_entity_nonpoly.name 
_pdbx_entity_nonpoly.comp_id 
3 'MAGNESIUM ION'         MG  
4 'COBALT HEXAMMINE(III)' NCO 
5 water                   HOH 
# 
loop_
_entity_poly_seq.entity_id 
_entity_poly_seq.num 
_entity_poly_seq.mon_id 
_entity_poly_seq.hetero 
1 1 DG n 
1 2 DC n 
1 3 DG n 
1 4 DC n 
1 5 DG n 
1 6 DC n 
1 7 DG n 
2 1 DC n 
2 2 DC n 
2 3 DG n 
2 4 DC n 
2 5 DG n 
2 6 DC n 
2 7 DG n 
# 
loop_
_chem_comp.id 
_chem_comp.type 
_chem_comp.mon_nstd_flag 
_chem_comp.name 
_chem_comp.pdbx_synonyms 
_chem_comp.formula 
_chem_comp.formula_weight 
DC  'DNA linking' y "2'-DEOXYCYTIDINE-5'-MONOPHOSPHATE"  ? 'C9 H14 N3 O7 P'  307.197 
DG  'DNA linking' y "2'-DEOXYGUANOSINE-5'-MONOPHOSPHATE" ? 'C10 H14 N5 O7 P' 347.221 
HOH non-polymer   . WATER                                ? 'H2 O'            18.015  
MG  non-polymer   . 'MAGNESIUM ION'                      ? 'Mg 2'            24.305  
NCO non-polymer   . 'COBALT HEXAMMINE(III)'              ? 'Co H18 N6 3'     161.116 
# 
loop_
_pdbx_poly_seq_scheme.asym_id 
_pdbx_poly_seq_scheme.entity_id 
_pdbx_poly_seq_scheme.seq_id 
_pdbx_poly_seq_scheme.mon_id 
_pdbx_poly_seq_scheme.ndb_seq_num 
_pdbx_poly_seq_scheme.pdb_seq_num 
_pdbx_poly_seq_scheme.auth_seq_num 
_pdbx_poly_seq_scheme.pdb_mon_id 
_pdbx_poly_seq_scheme.auth_mon_id 
_pdbx_poly_seq_scheme.pdb_strand_id 
_pdbx_poly_seq_scheme.pdb_ins_code 
_pdbx_poly_seq_scheme.hetero 
A 1 1 DG 1 1  1  DG G A . n 
A 1 2 DC 2 2  2  DC C A . n 
A 1 3 DG 3 3  3  DG G A . n 
A 1 4 DC 4 4  4  DC C A . n 
A 1 5 DG 5 5  5  DG G A . n 
A 1 6 DC 6 6  6  DC C A . n 
A 1 7 DG 7 7  7  DG G A . n 
B 2 1 DC 1 8  8  DC C B . n 
B 2 2 DC 2 9  9  DC C B . n 
B 2 3 DG 3 10 10 DG G B . n 
B 2 4 DC 4 11 11 DC C B . n 
B 2 5 DG 5 12 12 DG G B . n 
B 2 6 DC 6 13 13 DC C B . n 
B 2 7 DG 7 14 14 DG G B . n 
# 
loop_
_pdbx_nonpoly_scheme.asym_id 
_pdbx_nonpoly_scheme.entity_id 
_pdbx_nonpoly_scheme.mon_id 
_pdbx_nonpoly_scheme.ndb_seq_num 
_pdbx_nonpoly_scheme.pdb_seq_num 
_pdbx_nonpoly_scheme.auth_seq_num 
_pdbx_nonpoly_scheme.pdb_mon_id 
_pdbx_nonpoly_scheme.auth_mon_id 
_pdbx_nonpoly_scheme.pdb_strand_id 
_pdbx_nonpoly_scheme.pdb_ins_code 
C 3 MG  1  16 16 MG  MO6 B . 
D 4 NCO 1  15 15 NCO NCO B . 
E 5 HOH 1  18 18 HOH HOH A . 
E 5 HOH 2  19 19 HOH HOH A . 
E 5 HOH 3  21 21 HOH HOH A . 
E 5 HOH 4  24 24 HOH HOH A . 
E 5 HOH 5  25 25 HOH HOH A . 
E 5 HOH 6  27 27 HOH HOH A . 
E 5 HOH 7  28 28 HOH HOH A . 
E 5 HOH 8  29 29 HOH HOH A . 
E 5 HOH 9  33 33 HOH HOH A . 
E 5 HOH 10 34 34 HOH HOH A . 
E 5 HOH 11 43 43 HOH HOH A . 
E 5 HOH 12 44 44 HOH HOH A . 
E 5 HOH 13 46 46 HOH HOH A . 
E 5 HOH 14 50 50 HOH HOH A . 
E 5 HOH 15 51 51 HOH HOH A . 
E 5 HOH 16 53 53 HOH HOH A . 
E 5 HOH 17 55 55 HOH HOH A . 
E 5 HOH 18 56 56 HOH HOH A . 
E 5 HOH 19 57 57 HOH HOH A . 
E 5 HOH 20 58 58 HOH HOH A . 
E 5 HOH 21 62 62 HOH HOH A . 
E 5 HOH 22 65 65 HOH HOH A . 
E 5 HOH 23 66 66 HOH HOH A . 
E 5 HOH 24 68 68 HOH HOH A . 
E 5 HOH 25 69 69 HOH HOH A . 
E 5 HOH 26 73 73 HOH HOH A . 
E 5 HOH 27 74 74 HOH HOH A . 
E 5 HOH 28 77 77 HOH HOH A . 
E 5 HOH 29 78 78 HOH HOH A . 
E 5 HOH 30 79 79 HOH HOH A . 
F 5 HOH 1  17 17 HOH HOH B . 
F 5 HOH 2  20 20 HOH HOH B . 
F 5 HOH 3  22 22 HOH HOH B . 
F 5 HOH 4  23 23 HOH HOH B . 
F 5 HOH 5  26 26 HOH HOH B . 
F 5 HOH 6  30 30 HOH HOH B . 
F 5 HOH 7  31 31 HOH HOH B . 
F 5 HOH 8  32 32 HOH HOH B . 
F 5 HOH 9  35 35 HOH HOH B . 
F 5 HOH 10 36 36 HOH HOH B . 
F 5 HOH 11 37 37 HOH HOH B . 
F 5 HOH 12 38 38 HOH HOH B . 
F 5 HOH 13 39 39 HOH HOH B . 
F 5 HOH 14 40 40 HOH HOH B . 
F 5 HOH 15 41 41 HOH HOH B . 
F 5 HOH 16 42 42 HOH HOH B . 
F 5 HOH 17 45 45 HOH HOH B . 
F 5 HOH 18 47 47 HOH HOH B . 
F 5 HOH 19 48 48 HOH HOH B . 
F 5 HOH 20 49 49 HOH HOH B . 
F 5 HOH 21 52 52 HOH HOH B . 
F 5 HOH 22 54 54 HOH HOH B . 
F 5 HOH 23 59 59 HOH HOH B . 
F 5 HOH 24 60 60 HOH HOH B . 
F 5 HOH 25 61 61 HOH HOH B . 
F 5 HOH 26 63 63 HOH HOH B . 
F 5 HOH 27 64 64 HOH HOH B . 
F 5 HOH 28 67 67 HOH HOH B . 
F 5 HOH 29 70 70 HOH HOH B . 
F 5 HOH 30 71 71 HOH HOH B . 
F 5 HOH 31 72 72 HOH HOH B . 
F 5 HOH 32 75 75 HOH HOH B . 
F 5 HOH 33 76 76 HOH HOH B . 
F 5 HOH 34 80 16 HOH MO6 B . 
F 5 HOH 35 81 16 HOH MO6 B . 
F 5 HOH 36 82 16 HOH MO6 B . 
F 5 HOH 37 83 16 HOH MO6 B . 
F 5 HOH 38 84 16 HOH MO6 B . 
F 5 HOH 39 85 16 HOH MO6 B . 
# 
loop_
_software.name 
_software.classification 
_software.version 
_software.citation_id 
_software.pdbx_ordinal 
X-PLOR 'model building' . ? 1 
X-PLOR refinement       . ? 2 
SAINT  'data reduction' . ? 3 
SAINT  'data scaling'   . ? 4 
X-PLOR phasing          . ? 5 
# 
_cell.entry_id           312D 
_cell.length_a           20.320 
_cell.length_b           29.540 
_cell.length_c           51.840 
_cell.angle_alpha        90.00 
_cell.angle_beta         90.00 
_cell.angle_gamma        90.00 
_cell.Z_PDB              4 
_cell.pdbx_unique_axis   ? 
# 
_symmetry.entry_id                         312D 
_symmetry.space_group_name_H-M             'P 21 21 21' 
_symmetry.pdbx_full_space_group_name_H-M   ? 
_symmetry.cell_setting                     ? 
_symmetry.Int_Tables_number                19 
# 
_exptl.entry_id          312D 
_exptl.method            'X-RAY DIFFRACTION' 
_exptl.crystals_number   1 
# 
_exptl_crystal.id                    1 
_exptl_crystal.density_meas          ? 
_exptl_crystal.density_Matthews      1.84 
_exptl_crystal.density_percent_sol   32.98 
_exptl_crystal.description           ? 
# 
_exptl_crystal_grow.crystal_id      1 
_exptl_crystal_grow.method          'VAPOR DIFFUSION, SITTING DROP' 
_exptl_crystal_grow.temp            ? 
_exptl_crystal_grow.temp_details    'ROOM TEMPERATURE' 
_exptl_crystal_grow.pH              7.00 
_exptl_crystal_grow.pdbx_details    'pH 7.00, VAPOR DIFFUSION, SITTING DROP' 
_exptl_crystal_grow.pdbx_pH_range   ? 
# 
loop_
_exptl_crystal_grow_comp.crystal_id 
_exptl_crystal_grow_comp.id 
_exptl_crystal_grow_comp.sol_id 
_exptl_crystal_grow_comp.name 
_exptl_crystal_grow_comp.volume 
_exptl_crystal_grow_comp.conc 
_exptl_crystal_grow_comp.details 
1 1 1 WATER           ? ? ? 
1 2 1 MPD             ? ? ? 
1 3 1 'NA CACODYLATE' ? ? ? 
1 4 1 MGCL2           ? ? ? 
1 5 1 '[CO(NH3)6]3+'  ? ? ? 
1 6 2 WATER           ? ? ? 
1 7 2 MPD             ? ? ? 
# 
_diffrn.id                     1 
_diffrn.ambient_temp           293.00 
_diffrn.ambient_temp_details   ? 
_diffrn.crystal_id             1 
# 
_diffrn_detector.diffrn_id              1 
_diffrn_detector.detector               'AREA DETECTOR' 
_diffrn_detector.type                   'SIEMENS HI-STAR' 
_diffrn_detector.pdbx_collection_date   1996-05-01 
_diffrn_detector.details                ? 
# 
_diffrn_radiation.diffrn_id                        1 
_diffrn_radiation.wavelength_id                    1 
_diffrn_radiation.pdbx_monochromatic_or_laue_m_l   M 
_diffrn_radiation.monochromator                    ? 
_diffrn_radiation.pdbx_diffrn_protocol             ? 
_diffrn_radiation.pdbx_scattering_type             x-ray 
# 
_diffrn_radiation_wavelength.id           1 
_diffrn_radiation_wavelength.wavelength   1.5418 
_diffrn_radiation_wavelength.wt           1.0 
# 
_diffrn_source.diffrn_id                   1 
_diffrn_source.source                      'SEALED TUBE' 
_diffrn_source.type                        ? 
_diffrn_source.pdbx_synchrotron_site       ? 
_diffrn_source.pdbx_synchrotron_beamline   ? 
_diffrn_source.pdbx_wavelength             1.5418 
_diffrn_source.pdbx_wavelength_list        ? 
# 
_reflns.entry_id                     312D 
_reflns.observed_criterion_sigma_I   2.000 
_reflns.observed_criterion_sigma_F   ? 
_reflns.d_resolution_low             14.200 
_reflns.d_resolution_high            1.480 
_reflns.number_obs                   5340 
_reflns.number_all                   ? 
_reflns.percent_possible_obs         84.500 
_reflns.pdbx_Rmerge_I_obs            ? 
_reflns.pdbx_Rsym_value              0.0830000 
_reflns.pdbx_netI_over_sigmaI        9.8000 
_reflns.B_iso_Wilson_estimate        ? 
_reflns.pdbx_redundancy              ? 
_reflns.pdbx_diffrn_id               1 
_reflns.pdbx_ordinal                 1 
# 
_reflns_shell.d_res_high             1.480 
_reflns_shell.d_res_low              14.20 
_reflns_shell.percent_possible_all   ? 
_reflns_shell.Rmerge_I_obs           ? 
_reflns_shell.pdbx_Rsym_value        0.4330000 
_reflns_shell.meanI_over_sigI_obs    3.370 
_reflns_shell.pdbx_redundancy        ? 
_reflns_shell.pdbx_diffrn_id         ? 
_reflns_shell.pdbx_ordinal           1 
# 
_refine.entry_id                                 312D 
_refine.ls_number_reflns_obs                     3127 
_refine.ls_number_reflns_all                     ? 
_refine.pdbx_ls_sigma_I                          ? 
_refine.pdbx_ls_sigma_F                          3.000 
_refine.pdbx_data_cutoff_high_absF               ? 
_refine.pdbx_data_cutoff_low_absF                ? 
_refine.pdbx_data_cutoff_high_rms_absF           ? 
_refine.ls_d_res_low                             8.000 
_refine.ls_d_res_high                            1.800 
_refine.ls_percent_reflns_obs                    ? 
_refine.ls_R_factor_obs                          0.2090000 
_refine.ls_R_factor_all                          ? 
_refine.ls_R_factor_R_work                       0.2090000 
_refine.ls_R_factor_R_free                       0.2720000 
_refine.ls_R_factor_R_free_error                 ? 
_refine.ls_R_factor_R_free_error_details         ? 
_refine.ls_percent_reflns_R_free                 10.000 
_refine.ls_number_reflns_R_free                  323 
_refine.ls_number_parameters                     ? 
_refine.ls_number_restraints                     ? 
_refine.occupancy_min                            ? 
_refine.occupancy_max                            ? 
_refine.B_iso_mean                               13.33 
_refine.aniso_B[1][1]                            ? 
_refine.aniso_B[2][2]                            ? 
_refine.aniso_B[3][3]                            ? 
_refine.aniso_B[1][2]                            ? 
_refine.aniso_B[1][3]                            ? 
_refine.aniso_B[2][3]                            ? 
_refine.solvent_model_details                    ? 
_refine.solvent_model_param_ksol                 ? 
_refine.solvent_model_param_bsol                 ? 
_refine.pdbx_ls_cross_valid_method               ? 
_refine.details                                  ? 
_refine.pdbx_starting_model                      ZDGB55 
_refine.pdbx_method_to_determine_struct          'MOLECULAR REPLACEMENT' 
_refine.pdbx_isotropic_thermal_model             ? 
_refine.pdbx_stereochemistry_target_values       ? 
_refine.pdbx_stereochem_target_val_spec_case     ? 
_refine.pdbx_R_Free_selection_details            ? 
_refine.pdbx_overall_ESU_R                       ? 
_refine.pdbx_overall_ESU_R_Free                  ? 
_refine.overall_SU_ML                            ? 
_refine.overall_SU_B                             ? 
_refine.pdbx_refine_id                           'X-RAY DIFFRACTION' 
_refine.pdbx_diffrn_id                           1 
_refine.pdbx_TLS_residual_ADP_flag               ? 
_refine.correlation_coeff_Fo_to_Fc               ? 
_refine.correlation_coeff_Fo_to_Fc_free          ? 
_refine.pdbx_solvent_vdw_probe_radii             ? 
_refine.pdbx_solvent_ion_probe_radii             ? 
_refine.pdbx_solvent_shrinkage_radii             ? 
_refine.pdbx_overall_phase_error                 ? 
_refine.overall_SU_R_Cruickshank_DPI             ? 
_refine.pdbx_overall_SU_R_free_Cruickshank_DPI   ? 
_refine.pdbx_overall_SU_R_Blow_DPI               ? 
_refine.pdbx_overall_SU_R_free_Blow_DPI          ? 
# 
_refine_analyze.entry_id                        312D 
_refine_analyze.Luzzati_coordinate_error_obs    0.20 
_refine_analyze.Luzzati_sigma_a_obs             ? 
_refine_analyze.Luzzati_d_res_low_obs           ? 
_refine_analyze.Luzzati_coordinate_error_free   ? 
_refine_analyze.Luzzati_sigma_a_free            ? 
_refine_analyze.Luzzati_d_res_low_free          ? 
_refine_analyze.number_disordered_residues      ? 
_refine_analyze.occupancy_sum_hydrogen          ? 
_refine_analyze.occupancy_sum_non_hydrogen      ? 
_refine_analyze.pdbx_refine_id                  'X-RAY DIFFRACTION' 
# 
_refine_hist.pdbx_refine_id                   'X-RAY DIFFRACTION' 
_refine_hist.cycle_id                         LAST 
_refine_hist.pdbx_number_atoms_protein        0 
_refine_hist.pdbx_number_atoms_nucleic_acid   281 
_refine_hist.pdbx_number_atoms_ligand         14 
_refine_hist.number_atoms_solvent             63 
_refine_hist.number_atoms_total               358 
_refine_hist.d_res_high                       1.800 
_refine_hist.d_res_low                        8.000 
# 
loop_
_refine_ls_restr.type 
_refine_ls_restr.dev_ideal 
_refine_ls_restr.dev_ideal_target 
_refine_ls_restr.weight 
_refine_ls_restr.number 
_refine_ls_restr.pdbx_refine_id 
_refine_ls_restr.pdbx_restraint_function 
x_bond_d                0.008 ? ? ? 'X-RAY DIFFRACTION' ? 
x_bond_d_na             ?     ? ? ? 'X-RAY DIFFRACTION' ? 
x_bond_d_prot           ?     ? ? ? 'X-RAY DIFFRACTION' ? 
x_angle_d               ?     ? ? ? 'X-RAY DIFFRACTION' ? 
x_angle_d_na            ?     ? ? ? 'X-RAY DIFFRACTION' ? 
x_angle_d_prot          ?     ? ? ? 'X-RAY DIFFRACTION' ? 
x_angle_deg             1.30  ? ? ? 'X-RAY DIFFRACTION' ? 
x_angle_deg_na          ?     ? ? ? 'X-RAY DIFFRACTION' ? 
x_angle_deg_prot        ?     ? ? ? 'X-RAY DIFFRACTION' ? 
x_dihedral_angle_d      ?     ? ? ? 'X-RAY DIFFRACTION' ? 
x_dihedral_angle_d_na   ?     ? ? ? 'X-RAY DIFFRACTION' ? 
x_dihedral_angle_d_prot ?     ? ? ? 'X-RAY DIFFRACTION' ? 
x_improper_angle_d      ?     ? ? ? 'X-RAY DIFFRACTION' ? 
x_improper_angle_d_na   ?     ? ? ? 'X-RAY DIFFRACTION' ? 
x_improper_angle_d_prot ?     ? ? ? 'X-RAY DIFFRACTION' ? 
x_mcbond_it             ?     ? ? ? 'X-RAY DIFFRACTION' ? 
x_mcangle_it            ?     ? ? ? 'X-RAY DIFFRACTION' ? 
x_scbond_it             ?     ? ? ? 'X-RAY DIFFRACTION' ? 
x_scangle_it            ?     ? ? ? 'X-RAY DIFFRACTION' ? 
# 
_refine_ls_shell.pdbx_total_number_of_bins_used   8 
_refine_ls_shell.d_res_high                       1.80 
_refine_ls_shell.d_res_low                        1.88 
_refine_ls_shell.number_reflns_R_work             291 
_refine_ls_shell.R_factor_R_work                  0.2470000 
_refine_ls_shell.percent_reflns_obs               87.87 
_refine_ls_shell.R_factor_R_free                  0.3190000 
_refine_ls_shell.R_factor_R_free_error            ? 
_refine_ls_shell.percent_reflns_R_free            1.20 
_refine_ls_shell.number_reflns_R_free             35 
_refine_ls_shell.pdbx_refine_id                   'X-RAY DIFFRACTION' 
_refine_ls_shell.number_reflns_all                ? 
_refine_ls_shell.R_factor_all                     ? 
# 
loop_
_pdbx_xplor_file.serial_no 
_pdbx_xplor_file.param_file 
_pdbx_xplor_file.topol_file 
_pdbx_xplor_file.pdbx_refine_id 
1 PAR_NDB.DNA      TOP_NDB.DNA 'X-RAY DIFFRACTION' 
2 PAR_NDB_HIGH.DNA ?           'X-RAY DIFFRACTION' 
# 
_struct.entry_id                  312D 
_struct.title                     
;Z-DNA HEXAMER WITH 5' OVERHANGS THAT FORM A REVERSE WATSON-CRICK BASE PAIR
;
_struct.pdbx_model_details        ? 
_struct.pdbx_CASP_flag            ? 
_struct.pdbx_model_type_details   ? 
# 
_struct_keywords.entry_id        312D 
_struct_keywords.pdbx_keywords   DNA 
_struct_keywords.text            'Z-DNA, DOUBLE HELIX, OVERHANGING BASE, FLIPPED-OUT BASE, DNA' 
# 
loop_
_struct_asym.id 
_struct_asym.pdbx_blank_PDB_chainid_flag 
_struct_asym.pdbx_modified 
_struct_asym.entity_id 
_struct_asym.details 
A N N 1 ? 
B N N 2 ? 
C N N 3 ? 
D N N 4 ? 
E N N 5 ? 
F N N 5 ? 
# 
loop_
_struct_ref.id 
_struct_ref.entity_id 
_struct_ref.db_name 
_struct_ref.db_code 
_struct_ref.pdbx_db_accession 
_struct_ref.pdbx_db_isoform 
_struct_ref.pdbx_seq_one_letter_code 
_struct_ref.pdbx_align_begin 
1 1 PDB 312D 312D ? ? ? 
2 2 PDB 312D 312D ? ? ? 
# 
loop_
_struct_ref_seq.align_id 
_struct_ref_seq.ref_id 
_struct_ref_seq.pdbx_PDB_id_code 
_struct_ref_seq.pdbx_strand_id 
_struct_ref_seq.seq_align_beg 
_struct_ref_seq.pdbx_seq_align_beg_ins_code 
_struct_ref_seq.seq_align_end 
_struct_ref_seq.pdbx_seq_align_end_ins_code 
_struct_ref_seq.pdbx_db_accession 
_struct_ref_seq.db_align_beg 
_struct_ref_seq.pdbx_db_align_beg_ins_code 
_struct_ref_seq.db_align_end 
_struct_ref_seq.pdbx_db_align_end_ins_code 
_struct_ref_seq.pdbx_auth_seq_align_beg 
_struct_ref_seq.pdbx_auth_seq_align_end 
1 1 312D A 1 ? 7 ? 312D 1 ? 7  ? 1 7  
2 2 312D B 1 ? 7 ? 312D 8 ? 14 ? 8 14 
# 
_pdbx_struct_assembly.id                   1 
_pdbx_struct_assembly.details              author_defined_assembly 
_pdbx_struct_assembly.method_details       ? 
_pdbx_struct_assembly.oligomeric_details   dimeric 
_pdbx_struct_assembly.oligomeric_count     2 
# 
_pdbx_struct_assembly_gen.assembly_id       1 
_pdbx_struct_assembly_gen.oper_expression   1 
_pdbx_struct_assembly_gen.asym_id_list      A,B,C,D,E,F 
# 
_pdbx_struct_oper_list.id                   1 
_pdbx_struct_oper_list.type                 'identity operation' 
_pdbx_struct_oper_list.name                 1_555 
_pdbx_struct_oper_list.symmetry_operation   x,y,z 
_pdbx_struct_oper_list.matrix[1][1]         1.0000000000 
_pdbx_struct_oper_list.matrix[1][2]         0.0000000000 
_pdbx_struct_oper_list.matrix[1][3]         0.0000000000 
_pdbx_struct_oper_list.vector[1]            0.0000000000 
_pdbx_struct_oper_list.matrix[2][1]         0.0000000000 
_pdbx_struct_oper_list.matrix[2][2]         1.0000000000 
_pdbx_struct_oper_list.matrix[2][3]         0.0000000000 
_pdbx_struct_oper_list.vector[2]            0.0000000000 
_pdbx_struct_oper_list.matrix[3][1]         0.0000000000 
_pdbx_struct_oper_list.matrix[3][2]         0.0000000000 
_pdbx_struct_oper_list.matrix[3][3]         1.0000000000 
_pdbx_struct_oper_list.vector[3]            0.0000000000 
# 
_struct_biol.id   1 
# 
loop_
_struct_conn.id 
_struct_conn.conn_type_id 
_struct_conn.pdbx_leaving_atom_flag 
_struct_conn.pdbx_PDB_id 
_struct_conn.ptnr1_label_asym_id 
_struct_conn.ptnr1_label_comp_id 
_struct_conn.ptnr1_label_seq_id 
_struct_conn.ptnr1_label_atom_id 
_struct_conn.pdbx_ptnr1_label_alt_id 
_struct_conn.pdbx_ptnr1_PDB_ins_code 
_struct_conn.pdbx_ptnr1_standard_comp_id 
_struct_conn.ptnr1_symmetry 
_struct_conn.ptnr2_label_asym_id 
_struct_conn.ptnr2_label_comp_id 
_struct_conn.ptnr2_label_seq_id 
_struct_conn.ptnr2_label_atom_id 
_struct_conn.pdbx_ptnr2_label_alt_id 
_struct_conn.pdbx_ptnr2_PDB_ins_code 
_struct_conn.ptnr1_auth_asym_id 
_struct_conn.ptnr1_auth_comp_id 
_struct_conn.ptnr1_auth_seq_id 
_struct_conn.ptnr2_auth_asym_id 
_struct_conn.ptnr2_auth_comp_id 
_struct_conn.ptnr2_auth_seq_id 
_struct_conn.ptnr2_symmetry 
_struct_conn.pdbx_ptnr3_label_atom_id 
_struct_conn.pdbx_ptnr3_label_seq_id 
_struct_conn.pdbx_ptnr3_label_comp_id 
_struct_conn.pdbx_ptnr3_label_asym_id 
_struct_conn.pdbx_ptnr3_label_alt_id 
_struct_conn.pdbx_ptnr3_PDB_ins_code 
_struct_conn.details 
_struct_conn.pdbx_dist_value 
_struct_conn.pdbx_value_order 
_struct_conn.pdbx_role 
metalc1  metalc ? ? C MG . MG ? ? ? 1_555 F HOH . O  ? ? B MG 16 B HOH 80 1_555 ? ? ? ? ? ? ?            1.958 ? ? 
metalc2  metalc ? ? C MG . MG ? ? ? 1_555 F HOH . O  ? ? B MG 16 B HOH 81 1_555 ? ? ? ? ? ? ?            1.800 ? ? 
metalc3  metalc ? ? C MG . MG ? ? ? 1_555 F HOH . O  ? ? B MG 16 B HOH 82 1_555 ? ? ? ? ? ? ?            2.402 ? ? 
metalc4  metalc ? ? C MG . MG ? ? ? 1_555 F HOH . O  ? ? B MG 16 B HOH 83 1_555 ? ? ? ? ? ? ?            2.035 ? ? 
metalc5  metalc ? ? C MG . MG ? ? ? 1_555 F HOH . O  ? ? B MG 16 B HOH 84 1_555 ? ? ? ? ? ? ?            1.904 ? ? 
metalc6  metalc ? ? C MG . MG ? ? ? 1_555 F HOH . O  ? ? B MG 16 B HOH 85 1_555 ? ? ? ? ? ? ?            1.796 ? ? 
hydrog1  hydrog ? ? A DC 2 N3 ? ? ? 1_555 B DG  7 N1 ? ? A DC 2  B DG  14 1_555 ? ? ? ? ? ? WATSON-CRICK ?     ? ? 
hydrog2  hydrog ? ? A DC 2 N4 ? ? ? 1_555 B DG  7 O6 ? ? A DC 2  B DG  14 1_555 ? ? ? ? ? ? WATSON-CRICK ?     ? ? 
hydrog3  hydrog ? ? A DC 2 O2 ? ? ? 1_555 B DG  7 N2 ? ? A DC 2  B DG  14 1_555 ? ? ? ? ? ? WATSON-CRICK ?     ? ? 
hydrog4  hydrog ? ? A DG 3 N1 ? ? ? 1_555 B DC  6 N3 ? ? A DG 3  B DC  13 1_555 ? ? ? ? ? ? WATSON-CRICK ?     ? ? 
hydrog5  hydrog ? ? A DG 3 N2 ? ? ? 1_555 B DC  6 O2 ? ? A DG 3  B DC  13 1_555 ? ? ? ? ? ? WATSON-CRICK ?     ? ? 
hydrog6  hydrog ? ? A DG 3 O6 ? ? ? 1_555 B DC  6 N4 ? ? A DG 3  B DC  13 1_555 ? ? ? ? ? ? WATSON-CRICK ?     ? ? 
hydrog7  hydrog ? ? A DC 4 N3 ? ? ? 1_555 B DG  5 N1 ? ? A DC 4  B DG  12 1_555 ? ? ? ? ? ? WATSON-CRICK ?     ? ? 
hydrog8  hydrog ? ? A DC 4 N4 ? ? ? 1_555 B DG  5 O6 ? ? A DC 4  B DG  12 1_555 ? ? ? ? ? ? WATSON-CRICK ?     ? ? 
hydrog9  hydrog ? ? A DC 4 O2 ? ? ? 1_555 B DG  5 N2 ? ? A DC 4  B DG  12 1_555 ? ? ? ? ? ? WATSON-CRICK ?     ? ? 
hydrog10 hydrog ? ? A DG 5 N1 ? ? ? 1_555 B DC  4 N3 ? ? A DG 5  B DC  11 1_555 ? ? ? ? ? ? WATSON-CRICK ?     ? ? 
hydrog11 hydrog ? ? A DG 5 N2 ? ? ? 1_555 B DC  4 O2 ? ? A DG 5  B DC  11 1_555 ? ? ? ? ? ? WATSON-CRICK ?     ? ? 
hydrog12 hydrog ? ? A DG 5 O6 ? ? ? 1_555 B DC  4 N4 ? ? A DG 5  B DC  11 1_555 ? ? ? ? ? ? WATSON-CRICK ?     ? ? 
hydrog13 hydrog ? ? A DC 6 N3 ? ? ? 1_555 B DG  3 N1 ? ? A DC 6  B DG  10 1_555 ? ? ? ? ? ? WATSON-CRICK ?     ? ? 
hydrog14 hydrog ? ? A DC 6 N4 ? ? ? 1_555 B DG  3 O6 ? ? A DC 6  B DG  10 1_555 ? ? ? ? ? ? WATSON-CRICK ?     ? ? 
hydrog15 hydrog ? ? A DC 6 O2 ? ? ? 1_555 B DG  3 N2 ? ? A DC 6  B DG  10 1_555 ? ? ? ? ? ? WATSON-CRICK ?     ? ? 
hydrog16 hydrog ? ? A DG 7 N1 ? ? ? 1_555 B DC  2 N3 ? ? A DG 7  B DC  9  1_555 ? ? ? ? ? ? WATSON-CRICK ?     ? ? 
hydrog17 hydrog ? ? A DG 7 N2 ? ? ? 1_555 B DC  2 O2 ? ? A DG 7  B DC  9  1_555 ? ? ? ? ? ? WATSON-CRICK ?     ? ? 
hydrog18 hydrog ? ? A DG 7 O6 ? ? ? 1_555 B DC  2 N4 ? ? A DG 7  B DC  9  1_555 ? ? ? ? ? ? WATSON-CRICK ?     ? ? 
# 
loop_
_struct_conn_type.id 
_struct_conn_type.criteria 
_struct_conn_type.reference 
metalc ? ? 
hydrog ? ? 
# 
loop_
_pdbx_struct_conn_angle.id 
_pdbx_struct_conn_angle.ptnr1_label_atom_id 
_pdbx_struct_conn_angle.ptnr1_label_alt_id 
_pdbx_struct_conn_angle.ptnr1_label_asym_id 
_pdbx_struct_conn_angle.ptnr1_label_comp_id 
_pdbx_struct_conn_angle.ptnr1_label_seq_id 
_pdbx_struct_conn_angle.ptnr1_auth_atom_id 
_pdbx_struct_conn_angle.ptnr1_auth_asym_id 
_pdbx_struct_conn_angle.ptnr1_auth_comp_id 
_pdbx_struct_conn_angle.ptnr1_auth_seq_id 
_pdbx_struct_conn_angle.ptnr1_PDB_ins_code 
_pdbx_struct_conn_angle.ptnr1_symmetry 
_pdbx_struct_conn_angle.ptnr2_label_atom_id 
_pdbx_struct_conn_angle.ptnr2_label_alt_id 
_pdbx_struct_conn_angle.ptnr2_label_asym_id 
_pdbx_struct_conn_angle.ptnr2_label_comp_id 
_pdbx_struct_conn_angle.ptnr2_label_seq_id 
_pdbx_struct_conn_angle.ptnr2_auth_atom_id 
_pdbx_struct_conn_angle.ptnr2_auth_asym_id 
_pdbx_struct_conn_angle.ptnr2_auth_comp_id 
_pdbx_struct_conn_angle.ptnr2_auth_seq_id 
_pdbx_struct_conn_angle.ptnr2_PDB_ins_code 
_pdbx_struct_conn_angle.ptnr2_symmetry 
_pdbx_struct_conn_angle.ptnr3_label_atom_id 
_pdbx_struct_conn_angle.ptnr3_label_alt_id 
_pdbx_struct_conn_angle.ptnr3_label_asym_id 
_pdbx_struct_conn_angle.ptnr3_label_comp_id 
_pdbx_struct_conn_angle.ptnr3_label_seq_id 
_pdbx_struct_conn_angle.ptnr3_auth_atom_id 
_pdbx_struct_conn_angle.ptnr3_auth_asym_id 
_pdbx_struct_conn_angle.ptnr3_auth_comp_id 
_pdbx_struct_conn_angle.ptnr3_auth_seq_id 
_pdbx_struct_conn_angle.ptnr3_PDB_ins_code 
_pdbx_struct_conn_angle.ptnr3_symmetry 
_pdbx_struct_conn_angle.value 
_pdbx_struct_conn_angle.value_esd 
1  O ? F HOH . ? B HOH 80 ? 1_555 MG ? C MG . ? B MG 16 ? 1_555 O ? F HOH . ? B HOH 81 ? 1_555 171.6 ? 
2  O ? F HOH . ? B HOH 80 ? 1_555 MG ? C MG . ? B MG 16 ? 1_555 O ? F HOH . ? B HOH 82 ? 1_555 110.8 ? 
3  O ? F HOH . ? B HOH 81 ? 1_555 MG ? C MG . ? B MG 16 ? 1_555 O ? F HOH . ? B HOH 82 ? 1_555 77.5  ? 
4  O ? F HOH . ? B HOH 80 ? 1_555 MG ? C MG . ? B MG 16 ? 1_555 O ? F HOH . ? B HOH 83 ? 1_555 70.8  ? 
5  O ? F HOH . ? B HOH 81 ? 1_555 MG ? C MG . ? B MG 16 ? 1_555 O ? F HOH . ? B HOH 83 ? 1_555 100.9 ? 
6  O ? F HOH . ? B HOH 82 ? 1_555 MG ? C MG . ? B MG 16 ? 1_555 O ? F HOH . ? B HOH 83 ? 1_555 178.1 ? 
7  O ? F HOH . ? B HOH 80 ? 1_555 MG ? C MG . ? B MG 16 ? 1_555 O ? F HOH . ? B HOH 84 ? 1_555 82.0  ? 
8  O ? F HOH . ? B HOH 81 ? 1_555 MG ? C MG . ? B MG 16 ? 1_555 O ? F HOH . ? B HOH 84 ? 1_555 97.7  ? 
9  O ? F HOH . ? B HOH 82 ? 1_555 MG ? C MG . ? B MG 16 ? 1_555 O ? F HOH . ? B HOH 84 ? 1_555 101.0 ? 
10 O ? F HOH . ? B HOH 83 ? 1_555 MG ? C MG . ? B MG 16 ? 1_555 O ? F HOH . ? B HOH 84 ? 1_555 78.1  ? 
11 O ? F HOH . ? B HOH 80 ? 1_555 MG ? C MG . ? B MG 16 ? 1_555 O ? F HOH . ? B HOH 85 ? 1_555 80.5  ? 
12 O ? F HOH . ? B HOH 81 ? 1_555 MG ? C MG . ? B MG 16 ? 1_555 O ? F HOH . ? B HOH 85 ? 1_555 98.7  ? 
13 O ? F HOH . ? B HOH 82 ? 1_555 MG ? C MG . ? B MG 16 ? 1_555 O ? F HOH . ? B HOH 85 ? 1_555 90.2  ? 
14 O ? F HOH . ? B HOH 83 ? 1_555 MG ? C MG . ? B MG 16 ? 1_555 O ? F HOH . ? B HOH 85 ? 1_555 91.2  ? 
15 O ? F HOH . ? B HOH 84 ? 1_555 MG ? C MG . ? B MG 16 ? 1_555 O ? F HOH . ? B HOH 85 ? 1_555 161.8 ? 
# 
loop_
_struct_site.id 
_struct_site.pdbx_evidence_code 
_struct_site.pdbx_auth_asym_id 
_struct_site.pdbx_auth_comp_id 
_struct_site.pdbx_auth_seq_id 
_struct_site.pdbx_auth_ins_code 
_struct_site.pdbx_num_residues 
_struct_site.details 
AC1 Software B MG  16 ? 6 'BINDING SITE FOR RESIDUE MG B 16'  
AC2 Software B NCO 15 ? 8 'BINDING SITE FOR RESIDUE NCO B 15' 
# 
loop_
_struct_site_gen.id 
_struct_site_gen.site_id 
_struct_site_gen.pdbx_num_res 
_struct_site_gen.label_comp_id 
_struct_site_gen.label_asym_id 
_struct_site_gen.label_seq_id 
_struct_site_gen.pdbx_auth_ins_code 
_struct_site_gen.auth_comp_id 
_struct_site_gen.auth_asym_id 
_struct_site_gen.auth_seq_id 
_struct_site_gen.label_atom_id 
_struct_site_gen.label_alt_id 
_struct_site_gen.symmetry 
_struct_site_gen.details 
1  AC1 6 HOH F . ? HOH B 80 . ? 1_555 ? 
2  AC1 6 HOH F . ? HOH B 81 . ? 1_555 ? 
3  AC1 6 HOH F . ? HOH B 82 . ? 1_555 ? 
4  AC1 6 HOH F . ? HOH B 83 . ? 1_555 ? 
5  AC1 6 HOH F . ? HOH B 84 . ? 1_555 ? 
6  AC1 6 HOH F . ? HOH B 85 . ? 1_555 ? 
7  AC2 8 DC  A 4 ? DC  A 4  . ? 3_555 ? 
8  AC2 8 DG  A 5 ? DG  A 5  . ? 3_555 ? 
9  AC2 8 DG  A 5 ? DG  A 5  . ? 1_555 ? 
10 AC2 8 DG  B 7 ? DG  B 14 . ? 1_555 ? 
11 AC2 8 HOH F . ? HOH B 22 . ? 1_555 ? 
12 AC2 8 HOH F . ? HOH B 23 . ? 1_555 ? 
13 AC2 8 HOH F . ? HOH B 32 . ? 1_555 ? 
14 AC2 8 HOH F . ? HOH B 47 . ? 1_555 ? 
# 
_pdbx_validate_planes.id              1 
_pdbx_validate_planes.PDB_model_num   1 
_pdbx_validate_planes.auth_comp_id    DC 
_pdbx_validate_planes.auth_asym_id    B 
_pdbx_validate_planes.auth_seq_id     8 
_pdbx_validate_planes.PDB_ins_code    ? 
_pdbx_validate_planes.label_alt_id    ? 
_pdbx_validate_planes.rmsd            0.072 
_pdbx_validate_planes.type            'SIDE CHAIN' 
# 
loop_
_chem_comp_atom.comp_id 
_chem_comp_atom.atom_id 
_chem_comp_atom.type_symbol 
_chem_comp_atom.pdbx_aromatic_flag 
_chem_comp_atom.pdbx_stereo_config 
_chem_comp_atom.pdbx_ordinal 
DC  OP3    O  N N 1   
DC  P      P  N N 2   
DC  OP1    O  N N 3   
DC  OP2    O  N N 4   
DC  "O5'"  O  N N 5   
DC  "C5'"  C  N N 6   
DC  "C4'"  C  N R 7   
DC  "O4'"  O  N N 8   
DC  "C3'"  C  N S 9   
DC  "O3'"  O  N N 10  
DC  "C2'"  C  N N 11  
DC  "C1'"  C  N R 12  
DC  N1     N  N N 13  
DC  C2     C  N N 14  
DC  O2     O  N N 15  
DC  N3     N  N N 16  
DC  C4     C  N N 17  
DC  N4     N  N N 18  
DC  C5     C  N N 19  
DC  C6     C  N N 20  
DC  HOP3   H  N N 21  
DC  HOP2   H  N N 22  
DC  "H5'"  H  N N 23  
DC  "H5''" H  N N 24  
DC  "H4'"  H  N N 25  
DC  "H3'"  H  N N 26  
DC  "HO3'" H  N N 27  
DC  "H2'"  H  N N 28  
DC  "H2''" H  N N 29  
DC  "H1'"  H  N N 30  
DC  H41    H  N N 31  
DC  H42    H  N N 32  
DC  H5     H  N N 33  
DC  H6     H  N N 34  
DG  OP3    O  N N 35  
DG  P      P  N N 36  
DG  OP1    O  N N 37  
DG  OP2    O  N N 38  
DG  "O5'"  O  N N 39  
DG  "C5'"  C  N N 40  
DG  "C4'"  C  N R 41  
DG  "O4'"  O  N N 42  
DG  "C3'"  C  N S 43  
DG  "O3'"  O  N N 44  
DG  "C2'"  C  N N 45  
DG  "C1'"  C  N R 46  
DG  N9     N  Y N 47  
DG  C8     C  Y N 48  
DG  N7     N  Y N 49  
DG  C5     C  Y N 50  
DG  C6     C  N N 51  
DG  O6     O  N N 52  
DG  N1     N  N N 53  
DG  C2     C  N N 54  
DG  N2     N  N N 55  
DG  N3     N  N N 56  
DG  C4     C  Y N 57  
DG  HOP3   H  N N 58  
DG  HOP2   H  N N 59  
DG  "H5'"  H  N N 60  
DG  "H5''" H  N N 61  
DG  "H4'"  H  N N 62  
DG  "H3'"  H  N N 63  
DG  "HO3'" H  N N 64  
DG  "H2'"  H  N N 65  
DG  "H2''" H  N N 66  
DG  "H1'"  H  N N 67  
DG  H8     H  N N 68  
DG  H1     H  N N 69  
DG  H21    H  N N 70  
DG  H22    H  N N 71  
HOH O      O  N N 72  
HOH H1     H  N N 73  
HOH H2     H  N N 74  
MG  MG     MG N N 75  
NCO CO     CO N N 76  
NCO N1     N  N N 77  
NCO N2     N  N N 78  
NCO N3     N  N N 79  
NCO N4     N  N N 80  
NCO N5     N  N N 81  
NCO N6     N  N N 82  
NCO HN11   H  N N 83  
NCO HN12   H  N N 84  
NCO HN13   H  N N 85  
NCO HN21   H  N N 86  
NCO HN22   H  N N 87  
NCO HN23   H  N N 88  
NCO HN31   H  N N 89  
NCO HN32   H  N N 90  
NCO HN33   H  N N 91  
NCO HN41   H  N N 92  
NCO HN42   H  N N 93  
NCO HN43   H  N N 94  
NCO HN51   H  N N 95  
NCO HN52   H  N N 96  
NCO HN53   H  N N 97  
NCO HN61   H  N N 98  
NCO HN62   H  N N 99  
NCO HN63   H  N N 100 
# 
loop_
_chem_comp_bond.comp_id 
_chem_comp_bond.atom_id_1 
_chem_comp_bond.atom_id_2 
_chem_comp_bond.value_order 
_chem_comp_bond.pdbx_aromatic_flag 
_chem_comp_bond.pdbx_stereo_config 
_chem_comp_bond.pdbx_ordinal 
DC  OP3   P      sing N N 1   
DC  OP3   HOP3   sing N N 2   
DC  P     OP1    doub N N 3   
DC  P     OP2    sing N N 4   
DC  P     "O5'"  sing N N 5   
DC  OP2   HOP2   sing N N 6   
DC  "O5'" "C5'"  sing N N 7   
DC  "C5'" "C4'"  sing N N 8   
DC  "C5'" "H5'"  sing N N 9   
DC  "C5'" "H5''" sing N N 10  
DC  "C4'" "O4'"  sing N N 11  
DC  "C4'" "C3'"  sing N N 12  
DC  "C4'" "H4'"  sing N N 13  
DC  "O4'" "C1'"  sing N N 14  
DC  "C3'" "O3'"  sing N N 15  
DC  "C3'" "C2'"  sing N N 16  
DC  "C3'" "H3'"  sing N N 17  
DC  "O3'" "HO3'" sing N N 18  
DC  "C2'" "C1'"  sing N N 19  
DC  "C2'" "H2'"  sing N N 20  
DC  "C2'" "H2''" sing N N 21  
DC  "C1'" N1     sing N N 22  
DC  "C1'" "H1'"  sing N N 23  
DC  N1    C2     sing N N 24  
DC  N1    C6     sing N N 25  
DC  C2    O2     doub N N 26  
DC  C2    N3     sing N N 27  
DC  N3    C4     doub N N 28  
DC  C4    N4     sing N N 29  
DC  C4    C5     sing N N 30  
DC  N4    H41    sing N N 31  
DC  N4    H42    sing N N 32  
DC  C5    C6     doub N N 33  
DC  C5    H5     sing N N 34  
DC  C6    H6     sing N N 35  
DG  OP3   P      sing N N 36  
DG  OP3   HOP3   sing N N 37  
DG  P     OP1    doub N N 38  
DG  P     OP2    sing N N 39  
DG  P     "O5'"  sing N N 40  
DG  OP2   HOP2   sing N N 41  
DG  "O5'" "C5'"  sing N N 42  
DG  "C5'" "C4'"  sing N N 43  
DG  "C5'" "H5'"  sing N N 44  
DG  "C5'" "H5''" sing N N 45  
DG  "C4'" "O4'"  sing N N 46  
DG  "C4'" "C3'"  sing N N 47  
DG  "C4'" "H4'"  sing N N 48  
DG  "O4'" "C1'"  sing N N 49  
DG  "C3'" "O3'"  sing N N 50  
DG  "C3'" "C2'"  sing N N 51  
DG  "C3'" "H3'"  sing N N 52  
DG  "O3'" "HO3'" sing N N 53  
DG  "C2'" "C1'"  sing N N 54  
DG  "C2'" "H2'"  sing N N 55  
DG  "C2'" "H2''" sing N N 56  
DG  "C1'" N9     sing N N 57  
DG  "C1'" "H1'"  sing N N 58  
DG  N9    C8     sing Y N 59  
DG  N9    C4     sing Y N 60  
DG  C8    N7     doub Y N 61  
DG  C8    H8     sing N N 62  
DG  N7    C5     sing Y N 63  
DG  C5    C6     sing N N 64  
DG  C5    C4     doub Y N 65  
DG  C6    O6     doub N N 66  
DG  C6    N1     sing N N 67  
DG  N1    C2     sing N N 68  
DG  N1    H1     sing N N 69  
DG  C2    N2     sing N N 70  
DG  C2    N3     doub N N 71  
DG  N2    H21    sing N N 72  
DG  N2    H22    sing N N 73  
DG  N3    C4     sing N N 74  
HOH O     H1     sing N N 75  
HOH O     H2     sing N N 76  
NCO CO    N1     sing N N 77  
NCO CO    N2     sing N N 78  
NCO CO    N3     sing N N 79  
NCO CO    N4     sing N N 80  
NCO CO    N5     sing N N 81  
NCO CO    N6     sing N N 82  
NCO N1    HN11   sing N N 83  
NCO N1    HN12   sing N N 84  
NCO N1    HN13   sing N N 85  
NCO N2    HN21   sing N N 86  
NCO N2    HN22   sing N N 87  
NCO N2    HN23   sing N N 88  
NCO N3    HN31   sing N N 89  
NCO N3    HN32   sing N N 90  
NCO N3    HN33   sing N N 91  
NCO N4    HN41   sing N N 92  
NCO N4    HN42   sing N N 93  
NCO N4    HN43   sing N N 94  
NCO N5    HN51   sing N N 95  
NCO N5    HN52   sing N N 96  
NCO N5    HN53   sing N N 97  
NCO N6    HN61   sing N N 98  
NCO N6    HN62   sing N N 99  
NCO N6    HN63   sing N N 100 
# 
_ndb_struct_conf_na.entry_id   312D 
_ndb_struct_conf_na.feature    'z-form double helix' 
# 
loop_
_ndb_struct_na_base_pair.model_number 
_ndb_struct_na_base_pair.i_label_asym_id 
_ndb_struct_na_base_pair.i_label_comp_id 
_ndb_struct_na_base_pair.i_label_seq_id 
_ndb_struct_na_base_pair.i_symmetry 
_ndb_struct_na_base_pair.j_label_asym_id 
_ndb_struct_na_base_pair.j_label_comp_id 
_ndb_struct_na_base_pair.j_label_seq_id 
_ndb_struct_na_base_pair.j_symmetry 
_ndb_struct_na_base_pair.shear 
_ndb_struct_na_base_pair.stretch 
_ndb_struct_na_base_pair.stagger 
_ndb_struct_na_base_pair.buckle 
_ndb_struct_na_base_pair.propeller 
_ndb_struct_na_base_pair.opening 
_ndb_struct_na_base_pair.pair_number 
_ndb_struct_na_base_pair.pair_name 
_ndb_struct_na_base_pair.i_auth_asym_id 
_ndb_struct_na_base_pair.i_auth_seq_id 
_ndb_struct_na_base_pair.i_PDB_ins_code 
_ndb_struct_na_base_pair.j_auth_asym_id 
_ndb_struct_na_base_pair.j_auth_seq_id 
_ndb_struct_na_base_pair.j_PDB_ins_code 
_ndb_struct_na_base_pair.hbond_type_28 
_ndb_struct_na_base_pair.hbond_type_12 
1 A DC 2 1_555 B DG 7 1_555 -0.296 -0.007 -0.127 12.664 3.467  2.045  1 A_DC2:DG14_B A 2 ? B 14 ? 19 1 
1 A DG 3 1_555 B DC 6 1_555 0.316  -0.178 0.176  -6.068 -3.122 4.234  2 A_DG3:DC13_B A 3 ? B 13 ? 19 1 
1 A DC 4 1_555 B DG 5 1_555 -0.206 -0.148 0.316  2.015  -1.311 3.379  3 A_DC4:DG12_B A 4 ? B 12 ? 19 1 
1 A DG 5 1_555 B DC 4 1_555 0.203  -0.103 0.117  -3.205 -1.001 2.862  4 A_DG5:DC11_B A 5 ? B 11 ? 19 1 
1 A DC 6 1_555 B DG 3 1_555 -0.474 0.073  0.226  7.062  -0.407 -2.175 5 A_DC6:DG10_B A 6 ? B 10 ? 19 1 
1 A DG 7 1_555 B DC 2 1_555 0.222  -0.212 0.294  -4.499 -3.402 2.825  6 A_DG7:DC9_B  A 7 ? B 9  ? 19 1 
# 
loop_
_ndb_struct_na_base_pair_step.model_number 
_ndb_struct_na_base_pair_step.i_label_asym_id_1 
_ndb_struct_na_base_pair_step.i_label_comp_id_1 
_ndb_struct_na_base_pair_step.i_label_seq_id_1 
_ndb_struct_na_base_pair_step.i_symmetry_1 
_ndb_struct_na_base_pair_step.j_label_asym_id_1 
_ndb_struct_na_base_pair_step.j_label_comp_id_1 
_ndb_struct_na_base_pair_step.j_label_seq_id_1 
_ndb_struct_na_base_pair_step.j_symmetry_1 
_ndb_struct_na_base_pair_step.i_label_asym_id_2 
_ndb_struct_na_base_pair_step.i_label_comp_id_2 
_ndb_struct_na_base_pair_step.i_label_seq_id_2 
_ndb_struct_na_base_pair_step.i_symmetry_2 
_ndb_struct_na_base_pair_step.j_label_asym_id_2 
_ndb_struct_na_base_pair_step.j_label_comp_id_2 
_ndb_struct_na_base_pair_step.j_label_seq_id_2 
_ndb_struct_na_base_pair_step.j_symmetry_2 
_ndb_struct_na_base_pair_step.shift 
_ndb_struct_na_base_pair_step.slide 
_ndb_struct_na_base_pair_step.rise 
_ndb_struct_na_base_pair_step.tilt 
_ndb_struct_na_base_pair_step.roll 
_ndb_struct_na_base_pair_step.twist 
_ndb_struct_na_base_pair_step.x_displacement 
_ndb_struct_na_base_pair_step.y_displacement 
_ndb_struct_na_base_pair_step.helical_rise 
_ndb_struct_na_base_pair_step.inclination 
_ndb_struct_na_base_pair_step.tip 
_ndb_struct_na_base_pair_step.helical_twist 
_ndb_struct_na_base_pair_step.step_number 
_ndb_struct_na_base_pair_step.step_name 
_ndb_struct_na_base_pair_step.i_auth_asym_id_1 
_ndb_struct_na_base_pair_step.i_auth_seq_id_1 
_ndb_struct_na_base_pair_step.i_PDB_ins_code_1 
_ndb_struct_na_base_pair_step.j_auth_asym_id_1 
_ndb_struct_na_base_pair_step.j_auth_seq_id_1 
_ndb_struct_na_base_pair_step.j_PDB_ins_code_1 
_ndb_struct_na_base_pair_step.i_auth_asym_id_2 
_ndb_struct_na_base_pair_step.i_auth_seq_id_2 
_ndb_struct_na_base_pair_step.i_PDB_ins_code_2 
_ndb_struct_na_base_pair_step.j_auth_asym_id_2 
_ndb_struct_na_base_pair_step.j_auth_seq_id_2 
_ndb_struct_na_base_pair_step.j_PDB_ins_code_2 
1 A DC 2 1_555 B DG 7 1_555 A DG 3 1_555 B DC 6 1_555 -0.010 5.602  3.977 -1.935 -1.411 -3.528  -53.115 -30.563 5.140 20.137  
-27.622 -4.264  1 AA_DC2DG3:DC13DG14_BB A 2 ? B 14 ? A 3 ? B 13 ? 
1 A DG 3 1_555 B DC 6 1_555 A DC 4 1_555 B DG 5 1_555 -0.059 -1.271 3.334 -0.120 -3.272 -50.002 1.739   -0.078  3.250 3.866   
-0.142  -50.103 2 AA_DG3DC4:DG12DC13_BB A 3 ? B 13 ? A 4 ? B 12 ? 
1 A DC 4 1_555 B DG 5 1_555 A DG 5 1_555 B DC 4 1_555 0.053  5.262  3.842 2.143  -1.990 -8.900  -26.496 6.485   4.754 12.394  
13.346  -9.368  3 AA_DC4DG5:DC11DG12_BB A 4 ? B 12 ? A 5 ? B 11 ? 
1 A DG 5 1_555 B DC 4 1_555 A DC 6 1_555 B DG 3 1_555 -0.238 -0.986 3.260 -1.519 -0.585 -50.922 1.187   -0.381  3.241 0.680   
-1.767  -50.946 4 AA_DG5DC6:DG10DC11_BB A 5 ? B 11 ? A 6 ? B 10 ? 
1 A DC 6 1_555 B DG 3 1_555 A DG 7 1_555 B DC 2 1_555 0.206  5.696  4.157 -3.573 2.944  -6.519  -48.916 -8.301  1.388 -22.520 
-27.330 -7.994  5 AA_DC6DG7:DC9DG10_BB  A 6 ? B 10 ? A 7 ? B 9  ? 
# 
_pdbx_initial_refinement_model.accession_code   313D 
_pdbx_initial_refinement_model.id               1 
_pdbx_initial_refinement_model.entity_id_list   ? 
_pdbx_initial_refinement_model.type             'experimental model' 
_pdbx_initial_refinement_model.source_name      PDB 
_pdbx_initial_refinement_model.details          ZDGB55 
# 
_atom_sites.entry_id                    312D 
_atom_sites.fract_transf_matrix[1][1]   -0.03185278 
_atom_sites.fract_transf_matrix[1][2]   0.03308659 
_atom_sites.fract_transf_matrix[1][3]   0.01768043 
_atom_sites.fract_transf_matrix[2][1]   0.01994975 
_atom_sites.fract_transf_matrix[2][2]   0.02505937 
_atom_sites.fract_transf_matrix[2][3]   -0.01095416 
_atom_sites.fract_transf_matrix[3][1]   -0.00932678 
_atom_sites.fract_transf_matrix[3][2]   0.00004400 
_atom_sites.fract_transf_matrix[3][3]   -0.01688530 
_atom_sites.fract_transf_vector[1]      0.252783 
_atom_sites.fract_transf_vector[2]      0.449359 
_atom_sites.fract_transf_vector[3]      0.257247 
# 
loop_
_atom_type.symbol 
C  
CO 
MG 
N  
O  
P  
# 
loop_
_atom_site.group_PDB 
_atom_site.id 
_atom_site.type_symbol 
_atom_site.label_atom_id 
_atom_site.label_alt_id 
_atom_site.label_comp_id 
_atom_site.label_asym_id 
_atom_site.label_entity_id 
_atom_site.label_seq_id 
_atom_site.pdbx_PDB_ins_code 
_atom_site.Cartn_x 
_atom_site.Cartn_y 
_atom_site.Cartn_z 
_atom_site.occupancy 
_atom_site.B_iso_or_equiv 
_atom_site.pdbx_formal_charge 
_atom_site.auth_seq_id 
_atom_site.auth_comp_id 
_atom_site.auth_asym_id 
_atom_site.auth_atom_id 
_atom_site.pdbx_PDB_model_num 
ATOM   1   O  "O5'" . DG  A 1 1 ? 4.996   -0.755 12.202  1.00 22.77 ? 1  DG  A "O5'" 1 
ATOM   2   C  "C5'" . DG  A 1 1 ? 4.795   -1.356 13.507  1.00 22.50 ? 1  DG  A "C5'" 1 
ATOM   3   C  "C4'" . DG  A 1 1 ? 3.486   -2.113 13.583  1.00 22.22 ? 1  DG  A "C4'" 1 
ATOM   4   O  "O4'" . DG  A 1 1 ? 2.464   -1.177 14.016  1.00 22.55 ? 1  DG  A "O4'" 1 
ATOM   5   C  "C3'" . DG  A 1 1 ? 3.040   -2.587 12.198  1.00 21.76 ? 1  DG  A "C3'" 1 
ATOM   6   O  "O3'" . DG  A 1 1 ? 2.054   -3.614 12.331  1.00 20.62 ? 1  DG  A "O3'" 1 
ATOM   7   C  "C2'" . DG  A 1 1 ? 2.391   -1.329 11.645  1.00 22.10 ? 1  DG  A "C2'" 1 
ATOM   8   C  "C1'" . DG  A 1 1 ? 1.724   -0.717 12.876  1.00 22.51 ? 1  DG  A "C1'" 1 
ATOM   9   N  N9    . DG  A 1 1 ? 1.730   0.750  12.912  1.00 22.91 ? 1  DG  A N9    1 
ATOM   10  C  C8    . DG  A 1 1 ? 0.699   1.553  13.335  1.00 22.97 ? 1  DG  A C8    1 
ATOM   11  N  N7    . DG  A 1 1 ? 0.983   2.819  13.276  1.00 23.03 ? 1  DG  A N7    1 
ATOM   12  C  C5    . DG  A 1 1 ? 2.269   2.869  12.765  1.00 22.91 ? 1  DG  A C5    1 
ATOM   13  C  C6    . DG  A 1 1 ? 3.049   3.983  12.400  1.00 22.99 ? 1  DG  A C6    1 
ATOM   14  O  O6    . DG  A 1 1 ? 2.752   5.185  12.507  1.00 23.25 ? 1  DG  A O6    1 
ATOM   15  N  N1    . DG  A 1 1 ? 4.274   3.592  11.860  1.00 22.87 ? 1  DG  A N1    1 
ATOM   16  C  C2    . DG  A 1 1 ? 4.670   2.281  11.675  1.00 22.82 ? 1  DG  A C2    1 
ATOM   17  N  N2    . DG  A 1 1 ? 5.887   2.082  11.126  1.00 22.84 ? 1  DG  A N2    1 
ATOM   18  N  N3    . DG  A 1 1 ? 3.952   1.243  11.997  1.00 22.72 ? 1  DG  A N3    1 
ATOM   19  C  C4    . DG  A 1 1 ? 2.764   1.600  12.545  1.00 22.89 ? 1  DG  A C4    1 
ATOM   20  P  P     . DC  A 1 2 ? 1.843   -4.686 11.152  1.00 19.75 ? 2  DC  A P     1 
ATOM   21  O  OP1   . DC  A 1 2 ? 0.387   -4.862 10.857  1.00 19.75 ? 2  DC  A OP1   1 
ATOM   22  O  OP2   . DC  A 1 2 ? 2.683   -5.852 11.559  1.00 19.71 ? 2  DC  A OP2   1 
ATOM   23  O  "O5'" . DC  A 1 2 ? 2.451   -4.054 9.833   1.00 18.08 ? 2  DC  A "O5'" 1 
ATOM   24  C  "C5'" . DC  A 1 2 ? 2.552   -4.802 8.600   1.00 15.71 ? 2  DC  A "C5'" 1 
ATOM   25  C  "C4'" . DC  A 1 2 ? 3.420   -4.058 7.603   1.00 13.93 ? 2  DC  A "C4'" 1 
ATOM   26  O  "O4'" . DC  A 1 2 ? 2.863   -2.747 7.321   1.00 13.25 ? 2  DC  A "O4'" 1 
ATOM   27  C  "C3'" . DC  A 1 2 ? 4.842   -3.805 8.104   1.00 13.07 ? 2  DC  A "C3'" 1 
ATOM   28  O  "O3'" . DC  A 1 2 ? 5.714   -3.834 6.976   1.00 12.92 ? 2  DC  A "O3'" 1 
ATOM   29  C  "C2'" . DC  A 1 2 ? 4.773   -2.388 8.617   1.00 12.60 ? 2  DC  A "C2'" 1 
ATOM   30  C  "C1'" . DC  A 1 2 ? 3.827   -1.743 7.619   1.00 12.14 ? 2  DC  A "C1'" 1 
ATOM   31  N  N1    . DC  A 1 2 ? 3.138   -0.530 8.098   1.00 11.09 ? 2  DC  A N1    1 
ATOM   32  C  C2    . DC  A 1 2 ? 3.822   0.705  7.993   1.00 10.48 ? 2  DC  A C2    1 
ATOM   33  O  O2    . DC  A 1 2 ? 4.962   0.726  7.490   1.00 10.06 ? 2  DC  A O2    1 
ATOM   34  N  N3    . DC  A 1 2 ? 3.224   1.827  8.442   1.00 9.83  ? 2  DC  A N3    1 
ATOM   35  C  C4    . DC  A 1 2 ? 1.997   1.777  8.958   1.00 10.09 ? 2  DC  A C4    1 
ATOM   36  N  N4    . DC  A 1 2 ? 1.435   2.910  9.355   1.00 9.63  ? 2  DC  A N4    1 
ATOM   37  C  C5    . DC  A 1 2 ? 1.282   0.551  9.078   1.00 10.19 ? 2  DC  A C5    1 
ATOM   38  C  C6    . DC  A 1 2 ? 1.879   -0.560 8.641   1.00 10.74 ? 2  DC  A C6    1 
ATOM   39  P  P     . DG  A 1 3 ? 6.409   -5.214 6.562   1.00 12.63 ? 3  DG  A P     1 
ATOM   40  O  OP1   . DG  A 1 3 ? 7.029   -5.800 7.757   1.00 12.48 ? 3  DG  A OP1   1 
ATOM   41  O  OP2   . DG  A 1 3 ? 7.243   -4.928 5.351   1.00 12.95 ? 3  DG  A OP2   1 
ATOM   42  O  "O5'" . DG  A 1 3 ? 5.174   -6.088 6.087   1.00 12.38 ? 3  DG  A "O5'" 1 
ATOM   43  C  "C5'" . DG  A 1 3 ? 4.558   -5.900 4.822   1.00 11.75 ? 3  DG  A "C5'" 1 
ATOM   44  C  "C4'" . DG  A 1 3 ? 3.492   -6.970 4.611   1.00 11.55 ? 3  DG  A "C4'" 1 
ATOM   45  O  "O4'" . DG  A 1 3 ? 2.511   -6.754 5.638   1.00 11.13 ? 3  DG  A "O4'" 1 
ATOM   46  C  "C3'" . DG  A 1 3 ? 2.774   -6.829 3.280   1.00 11.47 ? 3  DG  A "C3'" 1 
ATOM   47  O  "O3'" . DG  A 1 3 ? 3.150   -7.898 2.407   1.00 11.88 ? 3  DG  A "O3'" 1 
ATOM   48  C  "C2'" . DG  A 1 3 ? 1.290   -6.938 3.618   1.00 11.50 ? 3  DG  A "C2'" 1 
ATOM   49  C  "C1'" . DG  A 1 3 ? 1.190   -6.934 5.145   1.00 11.29 ? 3  DG  A "C1'" 1 
ATOM   50  N  N9    . DG  A 1 3 ? 0.413   -5.782 5.567   1.00 11.29 ? 3  DG  A N9    1 
ATOM   51  C  C8    . DG  A 1 3 ? -0.756  -5.765 6.285   1.00 11.44 ? 3  DG  A C8    1 
ATOM   52  N  N7    . DG  A 1 3 ? -1.206  -4.564 6.519   1.00 11.42 ? 3  DG  A N7    1 
ATOM   53  C  C5    . DG  A 1 3 ? -0.278  -3.722 5.914   1.00 11.15 ? 3  DG  A C5    1 
ATOM   54  C  C6    . DG  A 1 3 ? -0.208  -2.288 5.862   1.00 10.84 ? 3  DG  A C6    1 
ATOM   55  O  O6    . DG  A 1 3 ? -0.990  -1.449 6.333   1.00 10.47 ? 3  DG  A O6    1 
ATOM   56  N  N1    . DG  A 1 3 ? 0.930   -1.871 5.173   1.00 10.48 ? 3  DG  A N1    1 
ATOM   57  C  C2    . DG  A 1 3 ? 1.871   -2.698 4.608   1.00 10.60 ? 3  DG  A C2    1 
ATOM   58  N  N2    . DG  A 1 3 ? 2.899   -2.109 3.991   1.00 10.31 ? 3  DG  A N2    1 
ATOM   59  N  N3    . DG  A 1 3 ? 1.811   -4.016 4.644   1.00 10.91 ? 3  DG  A N3    1 
ATOM   60  C  C4    . DG  A 1 3 ? 0.721   -4.465 5.317   1.00 11.12 ? 3  DG  A C4    1 
ATOM   61  P  P     . DC  A 1 4 ? 2.836   -7.806 0.838   1.00 11.67 ? 4  DC  A P     1 
ATOM   62  O  OP1   . DC  A 1 4 ? 1.369   -7.734 0.639   1.00 11.82 ? 4  DC  A OP1   1 
ATOM   63  O  OP2   . DC  A 1 4 ? 3.607   -8.923 0.218   1.00 11.92 ? 4  DC  A OP2   1 
ATOM   64  O  "O5'" . DC  A 1 4 ? 3.456   -6.423 0.330   1.00 12.11 ? 4  DC  A "O5'" 1 
ATOM   65  C  "C5'" . DC  A 1 4 ? 3.466   -6.081 -1.099  1.00 11.66 ? 4  DC  A "C5'" 1 
ATOM   66  C  "C4'" . DC  A 1 4 ? 3.576   -4.581 -1.299  1.00 11.61 ? 4  DC  A "C4'" 1 
ATOM   67  O  "O4'" . DC  A 1 4 ? 2.272   -4.027 -0.990  1.00 11.17 ? 4  DC  A "O4'" 1 
ATOM   68  C  "C3'" . DC  A 1 4 ? 4.569   -3.806 -0.429  1.00 11.55 ? 4  DC  A "C3'" 1 
ATOM   69  O  "O3'" . DC  A 1 4 ? 5.064   -2.663 -1.151  1.00 12.39 ? 4  DC  A "O3'" 1 
ATOM   70  C  "C2'" . DC  A 1 4 ? 3.709   -3.313 0.709   1.00 11.29 ? 4  DC  A "C2'" 1 
ATOM   71  C  "C1'" . DC  A 1 4 ? 2.426   -2.987 -0.039  1.00 11.02 ? 4  DC  A "C1'" 1 
ATOM   72  N  N1    . DC  A 1 4 ? 1.197   -2.912 0.773   1.00 10.79 ? 4  DC  A N1    1 
ATOM   73  C  C2    . DC  A 1 4 ? 0.715   -1.627 1.132   1.00 10.74 ? 4  DC  A C2    1 
ATOM   74  O  O2    . DC  A 1 4 ? 1.344   -0.598 0.775   1.00 10.45 ? 4  DC  A O2    1 
ATOM   75  N  N3    . DC  A 1 4 ? -0.410  -1.531 1.870   1.00 10.45 ? 4  DC  A N3    1 
ATOM   76  C  C4    . DC  A 1 4 ? -1.051  -2.636 2.273   1.00 10.35 ? 4  DC  A C4    1 
ATOM   77  N  N4    . DC  A 1 4 ? -2.145  -2.468 3.014   1.00 10.27 ? 4  DC  A N4    1 
ATOM   78  C  C5    . DC  A 1 4 ? -0.589  -3.949 1.928   1.00 10.50 ? 4  DC  A C5    1 
ATOM   79  C  C6    . DC  A 1 4 ? 0.525   -4.039 1.182   1.00 10.78 ? 4  DC  A C6    1 
ATOM   80  P  P     . DG  A 1 5 ? 6.515   -2.720 -1.842  1.00 12.76 ? 5  DG  A P     1 
ATOM   81  O  OP1   . DG  A 1 5 ? 7.519   -3.377 -0.983  1.00 12.84 ? 5  DG  A OP1   1 
ATOM   82  O  OP2   . DG  A 1 5 ? 6.725   -1.307 -2.280  1.00 13.10 ? 5  DG  A OP2   1 
ATOM   83  O  "O5'" . DG  A 1 5 ? 6.281   -3.628 -3.118  1.00 12.38 ? 5  DG  A "O5'" 1 
ATOM   84  C  "C5'" . DG  A 1 5 ? 5.393   -3.223 -4.154  1.00 12.22 ? 5  DG  A "C5'" 1 
ATOM   85  C  "C4'" . DG  A 1 5 ? 5.222   -4.343 -5.144  1.00 12.56 ? 5  DG  A "C4'" 1 
ATOM   86  O  "O4'" . DG  A 1 5 ? 4.536   -5.424 -4.476  1.00 12.42 ? 5  DG  A "O4'" 1 
ATOM   87  C  "C3'" . DG  A 1 5 ? 4.340   -3.956 -6.330  1.00 12.78 ? 5  DG  A "C3'" 1 
ATOM   88  O  "O3'" . DG  A 1 5 ? 5.206   -3.823 -7.465  1.00 13.57 ? 5  DG  A "O3'" 1 
ATOM   89  C  "C2'" . DG  A 1 5 ? 3.469   -5.169 -6.572  1.00 12.75 ? 5  DG  A "C2'" 1 
ATOM   90  C  "C1'" . DG  A 1 5 ? 3.587   -6.034 -5.330  1.00 12.51 ? 5  DG  A "C1'" 1 
ATOM   91  N  N9    . DG  A 1 5 ? 2.354   -6.198 -4.562  1.00 12.31 ? 5  DG  A N9    1 
ATOM   92  C  C8    . DG  A 1 5 ? 1.781   -7.368 -4.170  1.00 12.19 ? 5  DG  A C8    1 
ATOM   93  N  N7    . DG  A 1 5 ? 0.704   -7.192 -3.451  1.00 11.99 ? 5  DG  A N7    1 
ATOM   94  C  C5    . DG  A 1 5 ? 0.565   -5.829 -3.376  1.00 12.13 ? 5  DG  A C5    1 
ATOM   95  C  C6    . DG  A 1 5 ? -0.379  -5.055 -2.695  1.00 12.28 ? 5  DG  A C6    1 
ATOM   96  O  O6    . DG  A 1 5 ? -1.315  -5.435 -2.003  1.00 12.94 ? 5  DG  A O6    1 
ATOM   97  N  N1    . DG  A 1 5 ? -0.147  -3.692 -2.860  1.00 12.34 ? 5  DG  A N1    1 
ATOM   98  C  C2    . DG  A 1 5 ? 0.899   -3.152 -3.583  1.00 12.01 ? 5  DG  A C2    1 
ATOM   99  N  N2    . DG  A 1 5 ? 0.991   -1.830 -3.614  1.00 12.00 ? 5  DG  A N2    1 
ATOM   100 N  N3    . DG  A 1 5 ? 1.790   -3.873 -4.220  1.00 11.89 ? 5  DG  A N3    1 
ATOM   101 C  C4    . DG  A 1 5 ? 1.573   -5.184 -4.077  1.00 12.12 ? 5  DG  A C4    1 
ATOM   102 P  P     . DC  A 1 6 ? 5.255   -2.437 -8.274  1.00 14.05 ? 6  DC  A P     1 
ATOM   103 O  OP1   . DC  A 1 6 ? 5.970   -2.680 -9.556  1.00 13.80 ? 6  DC  A OP1   1 
ATOM   104 O  OP2   . DC  A 1 6 ? 5.747   -1.435 -7.298  1.00 14.25 ? 6  DC  A OP2   1 
ATOM   105 O  "O5'" . DC  A 1 6 ? 3.742   -2.045 -8.570  1.00 13.08 ? 6  DC  A "O5'" 1 
ATOM   106 C  "C5'" . DC  A 1 6 ? 3.443   -0.996 -9.481  1.00 12.09 ? 6  DC  A "C5'" 1 
ATOM   107 C  "C4'" . DC  A 1 6 ? 2.246   -0.217 -8.990  1.00 11.57 ? 6  DC  A "C4'" 1 
ATOM   108 O  "O4'" . DC  A 1 6 ? 1.087   -1.062 -8.885  1.00 11.03 ? 6  DC  A "O4'" 1 
ATOM   109 C  "C3'" . DC  A 1 6 ? 2.421   0.439  -7.628  1.00 11.46 ? 6  DC  A "C3'" 1 
ATOM   110 O  "O3'" . DC  A 1 6 ? 1.917   1.770  -7.745  1.00 11.76 ? 6  DC  A "O3'" 1 
ATOM   111 C  "C2'" . DC  A 1 6 ? 1.540   -0.362 -6.704  1.00 11.15 ? 6  DC  A "C2'" 1 
ATOM   112 C  "C1'" . DC  A 1 6 ? 0.452   -0.855 -7.637  1.00 11.02 ? 6  DC  A "C1'" 1 
ATOM   113 N  N1    . DC  A 1 6 ? -0.147  -2.131 -7.187  1.00 11.00 ? 6  DC  A N1    1 
ATOM   114 C  C2    . DC  A 1 6 ? -1.260  -2.076 -6.327  1.00 11.00 ? 6  DC  A C2    1 
ATOM   115 O  O2    . DC  A 1 6 ? -1.695  -0.973 -5.975  1.00 10.95 ? 6  DC  A O2    1 
ATOM   116 N  N3    . DC  A 1 6 ? -1.826  -3.228 -5.896  1.00 10.89 ? 6  DC  A N3    1 
ATOM   117 C  C4    . DC  A 1 6 ? -1.313  -4.400 -6.270  1.00 10.85 ? 6  DC  A C4    1 
ATOM   118 N  N4    . DC  A 1 6 ? -1.879  -5.486 -5.795  1.00 11.08 ? 6  DC  A N4    1 
ATOM   119 C  C5    . DC  A 1 6 ? -0.185  -4.494 -7.147  1.00 10.84 ? 6  DC  A C5    1 
ATOM   120 C  C6    . DC  A 1 6 ? 0.357   -3.349 -7.573  1.00 10.90 ? 6  DC  A C6    1 
ATOM   121 P  P     . DG  A 1 7 ? 2.952   2.978  -7.933  1.00 11.64 ? 7  DG  A P     1 
ATOM   122 O  OP1   . DG  A 1 7 ? 4.093   2.795  -6.990  1.00 11.51 ? 7  DG  A OP1   1 
ATOM   123 O  OP2   . DG  A 1 7 ? 2.160   4.219  -7.871  1.00 11.72 ? 7  DG  A OP2   1 
ATOM   124 O  "O5'" . DG  A 1 7 ? 3.511   2.716  -9.395  1.00 11.49 ? 7  DG  A "O5'" 1 
ATOM   125 C  "C5'" . DG  A 1 7 ? 2.739   3.070  -10.569 1.00 11.46 ? 7  DG  A "C5'" 1 
ATOM   126 C  "C4'" . DG  A 1 7 ? 3.537   2.747  -11.791 1.00 11.69 ? 7  DG  A "C4'" 1 
ATOM   127 O  "O4'" . DG  A 1 7 ? 3.708   1.300  -11.893 1.00 11.64 ? 7  DG  A "O4'" 1 
ATOM   128 C  "C3'" . DG  A 1 7 ? 2.944   3.175  -13.139 1.00 11.80 ? 7  DG  A "C3'" 1 
ATOM   129 O  "O3'" . DG  A 1 7 ? 4.020   3.446  -14.057 1.00 11.85 ? 7  DG  A "O3'" 1 
ATOM   130 C  "C2'" . DG  A 1 7 ? 2.264   1.922  -13.631 1.00 11.71 ? 7  DG  A "C2'" 1 
ATOM   131 C  "C1'" . DG  A 1 7 ? 3.195   0.845  -13.130 1.00 12.05 ? 7  DG  A "C1'" 1 
ATOM   132 N  N9    . DG  A 1 7 ? 2.554   -0.446 -12.886 1.00 12.31 ? 7  DG  A N9    1 
ATOM   133 C  C8    . DG  A 1 7 ? 3.050   -1.679 -13.220 1.00 12.46 ? 7  DG  A C8    1 
ATOM   134 N  N7    . DG  A 1 7 ? 2.282   -2.662 -12.858 1.00 12.60 ? 7  DG  A N7    1 
ATOM   135 C  C5    . DG  A 1 7 ? 1.196   -2.048 -12.256 1.00 12.48 ? 7  DG  A C5    1 
ATOM   136 C  C6    . DG  A 1 7 ? 0.047   -2.612 -11.652 1.00 12.41 ? 7  DG  A C6    1 
ATOM   137 O  O6    . DG  A 1 7 ? -0.259  -3.804 -11.550 1.00 12.58 ? 7  DG  A O6    1 
ATOM   138 N  N1    . DG  A 1 7 ? -0.780  -1.631 -11.138 1.00 12.05 ? 7  DG  A N1    1 
ATOM   139 C  C2    . DG  A 1 7 ? -0.562  -0.293 -11.193 1.00 12.13 ? 7  DG  A C2    1 
ATOM   140 N  N2    . DG  A 1 7 ? -1.489  0.470  -10.598 1.00 12.13 ? 7  DG  A N2    1 
ATOM   141 N  N3    . DG  A 1 7 ? 0.491   0.262  -11.772 1.00 12.10 ? 7  DG  A N3    1 
ATOM   142 C  C4    . DG  A 1 7 ? 1.332   -0.682 -12.272 1.00 12.32 ? 7  DG  A C4    1 
ATOM   143 O  "O5'" . DC  B 2 1 ? -12.364 0.477  -8.035  1.00 24.81 ? 8  DC  B "O5'" 1 
ATOM   144 C  "C5'" . DC  B 2 1 ? -11.687 -0.780 -8.225  1.00 24.35 ? 8  DC  B "C5'" 1 
ATOM   145 C  "C4'" . DC  B 2 1 ? -11.842 -1.643 -6.980  1.00 24.06 ? 8  DC  B "C4'" 1 
ATOM   146 O  "O4'" . DC  B 2 1 ? -12.979 -1.161 -6.231  1.00 24.24 ? 8  DC  B "O4'" 1 
ATOM   147 C  "C3'" . DC  B 2 1 ? -12.102 -3.153 -7.211  1.00 23.63 ? 8  DC  B "C3'" 1 
ATOM   148 O  "O3'" . DC  B 2 1 ? -11.144 -3.965 -6.491  1.00 22.63 ? 8  DC  B "O3'" 1 
ATOM   149 C  "C2'" . DC  B 2 1 ? -13.463 -3.398 -6.628  1.00 23.72 ? 8  DC  B "C2'" 1 
ATOM   150 C  "C1'" . DC  B 2 1 ? -13.594 -2.279 -5.617  1.00 24.11 ? 8  DC  B "C1'" 1 
ATOM   151 N  N1    . DC  B 2 1 ? -14.951 -1.891 -5.209  1.00 24.15 ? 8  DC  B N1    1 
ATOM   152 C  C2    . DC  B 2 1 ? -15.811 -2.874 -4.720  1.00 23.99 ? 8  DC  B C2    1 
ATOM   153 O  O2    . DC  B 2 1 ? -15.464 -4.067 -4.761  1.00 24.07 ? 8  DC  B O2    1 
ATOM   154 N  N3    . DC  B 2 1 ? -17.008 -2.513 -4.221  1.00 23.93 ? 8  DC  B N3    1 
ATOM   155 C  C4    . DC  B 2 1 ? -17.358 -1.233 -4.198  1.00 23.98 ? 8  DC  B C4    1 
ATOM   156 N  N4    . DC  B 2 1 ? -18.506 -0.925 -3.587  1.00 24.00 ? 8  DC  B N4    1 
ATOM   157 C  C5    . DC  B 2 1 ? -16.540 -0.214 -4.769  1.00 24.25 ? 8  DC  B C5    1 
ATOM   158 C  C6    . DC  B 2 1 ? -15.347 -0.583 -5.264  1.00 24.13 ? 8  DC  B C6    1 
ATOM   159 P  P     . DC  B 2 2 ? -9.661  -4.178 -7.071  1.00 21.67 ? 9  DC  B P     1 
ATOM   160 O  OP1   . DC  B 2 2 ? -9.736  -4.267 -8.572  1.00 21.33 ? 9  DC  B OP1   1 
ATOM   161 O  OP2   . DC  B 2 2 ? -8.931  -5.237 -6.309  1.00 21.61 ? 9  DC  B OP2   1 
ATOM   162 O  "O5'" . DC  B 2 2 ? -8.989  -2.759 -6.749  1.00 20.23 ? 9  DC  B "O5'" 1 
ATOM   163 C  "C5'" . DC  B 2 2 ? -8.209  -2.532 -5.576  1.00 18.08 ? 9  DC  B "C5'" 1 
ATOM   164 C  "C4'" . DC  B 2 2 ? -7.302  -1.343 -5.806  1.00 16.43 ? 9  DC  B "C4'" 1 
ATOM   165 O  "O4'" . DC  B 2 2 ? -6.014  -1.879 -6.192  1.00 15.68 ? 9  DC  B "O4'" 1 
ATOM   166 C  "C3'" . DC  B 2 2 ? -7.745  -0.441 -6.965  1.00 15.89 ? 9  DC  B "C3'" 1 
ATOM   167 O  "O3'" . DC  B 2 2 ? -7.391  0.919  -6.720  1.00 15.64 ? 9  DC  B "O3'" 1 
ATOM   168 C  "C2'" . DC  B 2 2 ? -6.945  -0.951 -8.138  1.00 15.47 ? 9  DC  B "C2'" 1 
ATOM   169 C  "C1'" . DC  B 2 2 ? -5.643  -1.336 -7.458  1.00 15.03 ? 9  DC  B "C1'" 1 
ATOM   170 N  N1    . DC  B 2 2 ? -4.829  -2.324 -8.176  1.00 14.36 ? 9  DC  B N1    1 
ATOM   171 C  C2    . DC  B 2 2 ? -3.720  -1.855 -8.892  1.00 13.98 ? 9  DC  B C2    1 
ATOM   172 O  O2    . DC  B 2 2 ? -3.516  -0.632 -8.973  1.00 13.95 ? 9  DC  B O2    1 
ATOM   173 N  N3    . DC  B 2 2 ? -2.902  -2.737 -9.500  1.00 13.60 ? 9  DC  B N3    1 
ATOM   174 C  C4    . DC  B 2 2 ? -3.167  -4.035 -9.457  1.00 13.51 ? 9  DC  B C4    1 
ATOM   175 N  N4    . DC  B 2 2 ? -2.333  -4.851 -10.092 1.00 13.22 ? 9  DC  B N4    1 
ATOM   176 C  C5    . DC  B 2 2 ? -4.313  -4.545 -8.765  1.00 13.84 ? 9  DC  B C5    1 
ATOM   177 C  C6    . DC  B 2 2 ? -5.102  -3.660 -8.146  1.00 14.10 ? 9  DC  B C6    1 
ATOM   178 P  P     . DG  B 2 3 ? -8.526  1.913  -6.233  1.00 15.45 ? 10 DG  B P     1 
ATOM   179 O  OP1   . DG  B 2 3 ? -9.715  1.780  -7.085  1.00 15.76 ? 10 DG  B OP1   1 
ATOM   180 O  OP2   . DG  B 2 3 ? -7.883  3.245  -6.058  1.00 15.77 ? 10 DG  B OP2   1 
ATOM   181 O  "O5'" . DG  B 2 3 ? -8.880  1.398  -4.778  1.00 15.21 ? 10 DG  B "O5'" 1 
ATOM   182 C  "C5'" . DG  B 2 3 ? -7.884  1.412  -3.752  1.00 14.33 ? 10 DG  B "C5'" 1 
ATOM   183 C  "C4'" . DG  B 2 3 ? -8.491  0.939  -2.448  1.00 13.71 ? 10 DG  B "C4'" 1 
ATOM   184 O  "O4'" . DG  B 2 3 ? -8.750  -0.471 -2.586  1.00 13.43 ? 10 DG  B "O4'" 1 
ATOM   185 C  "C3'" . DG  B 2 3 ? -7.504  1.094  -1.299  1.00 13.36 ? 10 DG  B "C3'" 1 
ATOM   186 O  "O3'" . DG  B 2 3 ? -7.985  2.221  -0.542  1.00 12.98 ? 10 DG  B "O3'" 1 
ATOM   187 C  "C2'" . DG  B 2 3 ? -7.640  -0.193 -0.511  1.00 13.41 ? 10 DG  B "C2'" 1 
ATOM   188 C  "C1'" . DG  B 2 3 ? -8.350  -1.188 -1.434  1.00 13.50 ? 10 DG  B "C1'" 1 
ATOM   189 N  N9    . DG  B 2 3 ? -7.571  -2.310 -1.875  1.00 13.84 ? 10 DG  B N9    1 
ATOM   190 C  C8    . DG  B 2 3 ? -7.889  -3.651 -1.754  1.00 13.80 ? 10 DG  B C8    1 
ATOM   191 N  N7    . DG  B 2 3 ? -6.995  -4.446 -2.268  1.00 14.08 ? 10 DG  B N7    1 
ATOM   192 C  C5    . DG  B 2 3 ? -6.009  -3.582 -2.761  1.00 13.94 ? 10 DG  B C5    1 
ATOM   193 C  C6    . DG  B 2 3 ? -4.828  -3.869 -3.496  1.00 13.98 ? 10 DG  B C6    1 
ATOM   194 O  O6    . DG  B 2 3 ? -4.363  -4.983 -3.791  1.00 14.03 ? 10 DG  B O6    1 
ATOM   195 N  N1    . DG  B 2 3 ? -4.182  -2.690 -3.913  1.00 13.78 ? 10 DG  B N1    1 
ATOM   196 C  C2    . DG  B 2 3 ? -4.626  -1.413 -3.654  1.00 13.65 ? 10 DG  B C2    1 
ATOM   197 N  N2    . DG  B 2 3 ? -3.907  -0.397 -4.156  1.00 13.60 ? 10 DG  B N2    1 
ATOM   198 N  N3    . DG  B 2 3 ? -5.713  -1.141 -2.946  1.00 13.69 ? 10 DG  B N3    1 
ATOM   199 C  C4    . DG  B 2 3 ? -6.349  -2.271 -2.535  1.00 13.80 ? 10 DG  B C4    1 
ATOM   200 P  P     . DC  B 2 4 ? -7.113  2.810  0.661   1.00 12.69 ? 11 DC  B P     1 
ATOM   201 O  OP1   . DC  B 2 4 ? -6.892  1.758  1.690   1.00 12.69 ? 11 DC  B OP1   1 
ATOM   202 O  OP2   . DC  B 2 4 ? -7.767  4.098  1.056   1.00 12.78 ? 11 DC  B OP2   1 
ATOM   203 O  "O5'" . DC  B 2 4 ? -5.695  3.174  -0.006  1.00 11.85 ? 11 DC  B "O5'" 1 
ATOM   204 C  "C5'" . DC  B 2 4 ? -4.664  3.816  0.767   1.00 10.89 ? 11 DC  B "C5'" 1 
ATOM   205 C  "C4'" . DC  B 2 4 ? -3.321  3.658  0.089   1.00 10.60 ? 11 DC  B "C4'" 1 
ATOM   206 O  "O4'" . DC  B 2 4 ? -2.794  2.344  0.388   1.00 9.61  ? 11 DC  B "O4'" 1 
ATOM   207 C  "C3'" . DC  B 2 4 ? -3.309  3.789  -1.436  1.00 10.76 ? 11 DC  B "C3'" 1 
ATOM   208 O  "O3'" . DC  B 2 4 ? -2.109  4.454  -1.881  1.00 11.93 ? 11 DC  B "O3'" 1 
ATOM   209 C  "C2'" . DC  B 2 4 ? -3.267  2.352  -1.901  1.00 10.13 ? 11 DC  B "C2'" 1 
ATOM   210 C  "C1'" . DC  B 2 4 ? -2.426  1.700  -0.821  1.00 9.71  ? 11 DC  B "C1'" 1 
ATOM   211 N  N1    . DC  B 2 4 ? -2.662  0.252  -0.687  1.00 9.67  ? 11 DC  B N1    1 
ATOM   212 C  C2    . DC  B 2 4 ? -1.781  -0.615 -1.377  1.00 9.67  ? 11 DC  B C2    1 
ATOM   213 O  O2    . DC  B 2 4 ? -0.838  -0.141 -2.057  1.00 9.63  ? 11 DC  B O2    1 
ATOM   214 N  N3    . DC  B 2 4 ? -1.979  -1.943 -1.301  1.00 9.53  ? 11 DC  B N3    1 
ATOM   215 C  C4    . DC  B 2 4 ? -3.008  -2.436 -0.603  1.00 9.48  ? 11 DC  B C4    1 
ATOM   216 N  N4    . DC  B 2 4 ? -3.166  -3.750 -0.616  1.00 9.26  ? 11 DC  B N4    1 
ATOM   217 C  C5    . DC  B 2 4 ? -3.911  -1.591 0.119   1.00 9.32  ? 11 DC  B C5    1 
ATOM   218 C  C6    . DC  B 2 4 ? -3.702  -0.269 0.050   1.00 9.61  ? 11 DC  B C6    1 
ATOM   219 P  P     . DG  B 2 5 ? -2.095  6.053  -2.040  1.00 12.63 ? 12 DG  B P     1 
ATOM   220 O  OP1   . DG  B 2 5 ? -3.299  6.503  -2.775  1.00 12.61 ? 12 DG  B OP1   1 
ATOM   221 O  OP2   . DG  B 2 5 ? -0.727  6.339  -2.592  1.00 12.85 ? 12 DG  B OP2   1 
ATOM   222 O  "O5'" . DG  B 2 5 ? -2.168  6.605  -0.553  1.00 12.13 ? 12 DG  B "O5'" 1 
ATOM   223 C  "C5'" . DG  B 2 5 ? -1.047  6.488  0.325   1.00 11.93 ? 12 DG  B "C5'" 1 
ATOM   224 C  "C4'" . DG  B 2 5 ? -1.395  7.045  1.685   1.00 12.01 ? 12 DG  B "C4'" 1 
ATOM   225 O  "O4'" . DG  B 2 5 ? -2.566  6.378  2.195   1.00 11.78 ? 12 DG  B "O4'" 1 
ATOM   226 C  "C3'" . DG  B 2 5 ? -0.290  6.728  2.678   1.00 12.30 ? 12 DG  B "C3'" 1 
ATOM   227 O  "O3'" . DG  B 2 5 ? 0.602   7.852  2.767   1.00 13.10 ? 12 DG  B "O3'" 1 
ATOM   228 C  "C2'" . DG  B 2 5 ? -1.034  6.563  3.989   1.00 11.92 ? 12 DG  B "C2'" 1 
ATOM   229 C  "C1'" . DG  B 2 5 ? -2.411  6.087  3.574   1.00 11.67 ? 12 DG  B "C1'" 1 
ATOM   230 N  N9    . DG  B 2 5 ? -2.723  4.671  3.790   1.00 11.25 ? 12 DG  B N9    1 
ATOM   231 C  C8    . DG  B 2 5 ? -3.830  4.223  4.464   1.00 11.07 ? 12 DG  B C8    1 
ATOM   232 N  N7    . DG  B 2 5 ? -3.906  2.922  4.516   1.00 10.78 ? 12 DG  B N7    1 
ATOM   233 C  C5    . DG  B 2 5 ? -2.778  2.474  3.844   1.00 10.79 ? 12 DG  B C5    1 
ATOM   234 C  C6    . DG  B 2 5 ? -2.353  1.140  3.535   1.00 10.67 ? 12 DG  B C6    1 
ATOM   235 O  O6    . DG  B 2 5 ? -2.912  0.064  3.803   1.00 10.82 ? 12 DG  B O6    1 
ATOM   236 N  N1    . DG  B 2 5 ? -1.158  1.138  2.820   1.00 10.42 ? 12 DG  B N1    1 
ATOM   237 C  C2    . DG  B 2 5 ? -0.481  2.258  2.414   1.00 10.39 ? 12 DG  B C2    1 
ATOM   238 N  N2    . DG  B 2 5 ? 0.653   2.050  1.719   1.00 9.83  ? 12 DG  B N2    1 
ATOM   239 N  N3    . DG  B 2 5 ? -0.878  3.501  2.676   1.00 10.65 ? 12 DG  B N3    1 
ATOM   240 C  C4    . DG  B 2 5 ? -2.020  3.538  3.387   1.00 10.74 ? 12 DG  B C4    1 
ATOM   241 P  P     . DC  B 2 6 ? 2.168   7.659  2.445   1.00 13.72 ? 13 DC  B P     1 
ATOM   242 O  OP1   . DC  B 2 6 ? 2.734   9.033  2.549   1.00 14.46 ? 13 DC  B OP1   1 
ATOM   243 O  OP2   . DC  B 2 6 ? 2.315   6.872  1.190   1.00 13.73 ? 13 DC  B OP2   1 
ATOM   244 O  "O5'" . DC  B 2 6 ? 2.736   6.828  3.681   1.00 12.86 ? 13 DC  B "O5'" 1 
ATOM   245 C  "C5'" . DC  B 2 6 ? 4.130   6.942  4.054   1.00 11.79 ? 13 DC  B "C5'" 1 
ATOM   246 C  "C4'" . DC  B 2 6 ? 4.792   5.594  3.982   1.00 10.95 ? 13 DC  B "C4'" 1 
ATOM   247 O  "O4'" . DC  B 2 6 ? 4.029   4.778  4.906   1.00 10.69 ? 13 DC  B "O4'" 1 
ATOM   248 C  "C3'" . DC  B 2 6 ? 4.739   4.877  2.634   1.00 10.90 ? 13 DC  B "C3'" 1 
ATOM   249 O  "O3'" . DC  B 2 6 ? 6.013   4.286  2.342   1.00 11.31 ? 13 DC  B "O3'" 1 
ATOM   250 C  "C2'" . DC  B 2 6 ? 3.704   3.778  2.824   1.00 10.48 ? 13 DC  B "C2'" 1 
ATOM   251 C  "C1'" . DC  B 2 6 ? 3.749   3.519  4.315   1.00 10.00 ? 13 DC  B "C1'" 1 
ATOM   252 N  N1    . DC  B 2 6 ? 2.500   2.968  4.919   1.00 9.24  ? 13 DC  B N1    1 
ATOM   253 C  C2    . DC  B 2 6 ? 2.315   1.558  4.908   1.00 8.60  ? 13 DC  B C2    1 
ATOM   254 O  O2    . DC  B 2 6 ? 3.179   0.819  4.414   1.00 8.26  ? 13 DC  B O2    1 
ATOM   255 N  N3    . DC  B 2 6 ? 1.197   1.040  5.436   1.00 8.40  ? 13 DC  B N3    1 
ATOM   256 C  C4    . DC  B 2 6 ? 0.270   1.839  5.957   1.00 8.50  ? 13 DC  B C4    1 
ATOM   257 N  N4    . DC  B 2 6 ? -0.825  1.264  6.429   1.00 9.23  ? 13 DC  B N4    1 
ATOM   258 C  C5    . DC  B 2 6 ? 0.425   3.253  6.003   1.00 8.76  ? 13 DC  B C5    1 
ATOM   259 C  C6    . DC  B 2 6 ? 1.541   3.769  5.472   1.00 8.83  ? 13 DC  B C6    1 
ATOM   260 P  P     . DG  B 2 7 ? 7.081   5.113  1.447   1.00 11.51 ? 14 DG  B P     1 
ATOM   261 O  OP1   . DG  B 2 7 ? 6.418   5.626  0.248   1.00 11.24 ? 14 DG  B OP1   1 
ATOM   262 O  OP2   . DG  B 2 7 ? 8.278   4.242  1.321   1.00 11.33 ? 14 DG  B OP2   1 
ATOM   263 O  "O5'" . DG  B 2 7 ? 7.400   6.366  2.382   1.00 11.30 ? 14 DG  B "O5'" 1 
ATOM   264 C  "C5'" . DG  B 2 7 ? 8.169   6.254  3.591   1.00 11.18 ? 14 DG  B "C5'" 1 
ATOM   265 C  "C4'" . DG  B 2 7 ? 8.402   7.640  4.156   1.00 11.18 ? 14 DG  B "C4'" 1 
ATOM   266 O  "O4'" . DG  B 2 7 ? 7.164   8.072  4.744   1.00 10.75 ? 14 DG  B "O4'" 1 
ATOM   267 C  "C3'" . DG  B 2 7 ? 9.462   7.800  5.246   1.00 11.38 ? 14 DG  B "C3'" 1 
ATOM   268 O  "O3'" . DG  B 2 7 ? 9.973   9.143  5.212   1.00 12.14 ? 14 DG  B "O3'" 1 
ATOM   269 C  "C2'" . DG  B 2 7 ? 8.657   7.748  6.523   1.00 10.78 ? 14 DG  B "C2'" 1 
ATOM   270 C  "C1'" . DG  B 2 7 ? 7.348   8.395  6.107   1.00 10.43 ? 14 DG  B "C1'" 1 
ATOM   271 N  N9    . DG  B 2 7 ? 6.172   7.955  6.817   1.00 10.04 ? 14 DG  B N9    1 
ATOM   272 C  C8    . DG  B 2 7 ? 5.213   8.749  7.379   1.00 9.82  ? 14 DG  B C8    1 
ATOM   273 N  N7    . DG  B 2 7 ? 4.249   8.078  7.939   1.00 9.84  ? 14 DG  B N7    1 
ATOM   274 C  C5    . DG  B 2 7 ? 4.596   6.746  7.743   1.00 9.66  ? 14 DG  B C5    1 
ATOM   275 C  C6    . DG  B 2 7 ? 3.985   5.549  8.234   1.00 9.56  ? 14 DG  B C6    1 
ATOM   276 O  O6    . DG  B 2 7 ? 2.949   5.442  8.876   1.00 9.36  ? 14 DG  B O6    1 
ATOM   277 N  N1    . DG  B 2 7 ? 4.723   4.411  7.887   1.00 9.27  ? 14 DG  B N1    1 
ATOM   278 C  C2    . DG  B 2 7 ? 5.894   4.436  7.151   1.00 9.48  ? 14 DG  B C2    1 
ATOM   279 N  N2    . DG  B 2 7 ? 6.470   3.251  6.845   1.00 9.25  ? 14 DG  B N2    1 
ATOM   280 N  N3    . DG  B 2 7 ? 6.472   5.540  6.722   1.00 9.21  ? 14 DG  B N3    1 
ATOM   281 C  C4    . DG  B 2 7 ? 5.779   6.647  7.051   1.00 9.75  ? 14 DG  B C4    1 
HETATM 282 MG MG    . MG  C 3 . ? 4.618   7.825  -2.132  1.00 19.11 ? 16 MG  B MG    1 
HETATM 283 CO CO    . NCO D 4 . ? 8.597   2.150  -1.943  1.00 19.38 ? 15 NCO B CO    1 
HETATM 284 N  N1    . NCO D 4 . ? 9.835   1.896  -3.840  1.00 19.21 ? 15 NCO B N1    1 
HETATM 285 N  N2    . NCO D 4 . ? 7.725   3.834  -1.984  1.00 18.90 ? 15 NCO B N2    1 
HETATM 286 N  N3    . NCO D 4 . ? 7.544   1.774  -0.063  1.00 19.12 ? 15 NCO B N3    1 
HETATM 287 N  N4    . NCO D 4 . ? 9.729   -0.167 -1.758  1.00 19.26 ? 15 NCO B N4    1 
HETATM 288 N  N5    . NCO D 4 . ? 7.146   1.941  -3.277  1.00 19.03 ? 15 NCO B N5    1 
HETATM 289 N  N6    . NCO D 4 . ? 10.081  2.550  -0.709  1.00 18.78 ? 15 NCO B N6    1 
HETATM 290 O  O     . HOH E 5 . ? 5.401   0.473  -5.537  1.00 39.58 ? 18 HOH A O     1 
HETATM 291 O  O     . HOH E 5 . ? 8.046   -4.402 -12.220 1.00 20.17 ? 19 HOH A O     1 
HETATM 292 O  O     . HOH E 5 . ? 7.021   -0.483 11.161  1.00 33.92 ? 21 HOH A O     1 
HETATM 293 O  O     . HOH E 5 . ? 1.798   -5.016 -9.849  1.00 26.62 ? 24 HOH A O     1 
HETATM 294 O  O     . HOH E 5 . ? 4.220   0.437  1.047   1.00 16.78 ? 25 HOH A O     1 
HETATM 295 O  O     . HOH E 5 . ? -0.963  -8.045 -6.301  1.00 28.34 ? 27 HOH A O     1 
HETATM 296 O  O     . HOH E 5 . ? 3.656   -0.086 -3.874  1.00 18.02 ? 28 HOH A O     1 
HETATM 297 O  O     . HOH E 5 . ? 5.774   -2.512 3.466   1.00 19.09 ? 29 HOH A O     1 
HETATM 298 O  O     . HOH E 5 . ? 1.514   -8.216 -7.958  1.00 32.56 ? 33 HOH A O     1 
HETATM 299 O  O     . HOH E 5 . ? -0.934  -2.496 9.061   1.00 26.57 ? 34 HOH A O     1 
HETATM 300 O  O     . HOH E 5 . ? 5.044   -0.075 -1.322  1.00 25.10 ? 43 HOH A O     1 
HETATM 301 O  O     . HOH E 5 . ? 6.517   -8.602 -0.483  1.00 29.69 ? 44 HOH A O     1 
HETATM 302 O  O     . HOH E 5 . ? -1.234  2.292  -5.369  1.00 37.21 ? 46 HOH A O     1 
HETATM 303 O  O     . HOH E 5 . ? 3.257   3.827  -4.655  1.00 29.27 ? 50 HOH A O     1 
HETATM 304 O  O     . HOH E 5 . ? -0.235  -5.942 -13.787 1.00 31.96 ? 51 HOH A O     1 
HETATM 305 O  O     . HOH E 5 . ? -4.665  -2.158 10.714  1.00 34.30 ? 53 HOH A O     1 
HETATM 306 O  O     . HOH E 5 . ? 5.429   -5.850 12.262  1.00 30.90 ? 55 HOH A O     1 
HETATM 307 O  O     . HOH E 5 . ? 10.770  -6.526 7.587   1.00 48.90 ? 56 HOH A O     1 
HETATM 308 O  O     . HOH E 5 . ? -1.245  3.554  14.728  1.00 38.65 ? 57 HOH A O     1 
HETATM 309 O  O     . HOH E 5 . ? 12.333  -4.379 3.871   1.00 65.00 ? 58 HOH A O     1 
HETATM 310 O  O     . HOH E 5 . ? -0.785  -2.928 14.130  1.00 47.50 ? 62 HOH A O     1 
HETATM 311 O  O     . HOH E 5 . ? -0.653  -1.761 11.726  1.00 29.12 ? 65 HOH A O     1 
HETATM 312 O  O     . HOH E 5 . ? -2.572  -1.039 8.635   1.00 51.77 ? 66 HOH A O     1 
HETATM 313 O  O     . HOH E 5 . ? -6.161  -1.102 8.683   1.00 33.54 ? 68 HOH A O     1 
HETATM 314 O  O     . HOH E 5 . ? 8.387   -4.359 -9.038  1.00 49.45 ? 69 HOH A O     1 
HETATM 315 O  O     . HOH E 5 . ? 8.903   -6.043 2.960   1.00 60.67 ? 73 HOH A O     1 
HETATM 316 O  O     . HOH E 5 . ? 8.576   -2.614 1.259   1.00 34.90 ? 74 HOH A O     1 
HETATM 317 O  O     . HOH E 5 . ? 11.443  -6.968 4.996   1.00 56.08 ? 77 HOH A O     1 
HETATM 318 O  O     . HOH E 5 . ? 7.710   -8.354 3.451   1.00 65.77 ? 78 HOH A O     1 
HETATM 319 O  O     . HOH E 5 . ? -0.904  2.971  10.293  1.00 51.04 ? 79 HOH A O     1 
HETATM 320 O  O     . HOH F 5 . ? -2.230  3.079  7.574   1.00 40.25 ? 17 HOH B O     1 
HETATM 321 O  O     . HOH F 5 . ? -5.674  0.103  2.850   1.00 9.63  ? 20 HOH B O     1 
HETATM 322 O  O     . HOH F 5 . ? 5.268   4.041  -3.544  1.00 36.29 ? 22 HOH B O     1 
HETATM 323 O  O     . HOH F 5 . ? 4.775   2.763  -0.835  1.00 34.63 ? 23 HOH B O     1 
HETATM 324 O  O     . HOH F 5 . ? -4.674  7.658  1.223   1.00 29.27 ? 26 HOH B O     1 
HETATM 325 O  O     . HOH F 5 . ? -4.636  2.425  -4.947  1.00 15.80 ? 30 HOH B O     1 
HETATM 326 O  O     . HOH F 5 . ? 1.642   4.181  -0.058  1.00 15.32 ? 31 HOH B O     1 
HETATM 327 O  O     . HOH F 5 . ? 8.021   2.182  2.964   1.00 33.01 ? 32 HOH B O     1 
HETATM 328 O  O     . HOH F 5 . ? -7.703  4.966  3.472   1.00 17.26 ? 35 HOH B O     1 
HETATM 329 O  O     . HOH F 5 . ? 1.492   11.116 1.110   1.00 30.10 ? 36 HOH B O     1 
HETATM 330 O  O     . HOH F 5 . ? -11.444 -6.194 0.123   1.00 38.63 ? 37 HOH B O     1 
HETATM 331 O  O     . HOH F 5 . ? 11.492  -3.508 -1.186  1.00 38.86 ? 38 HOH B O     1 
HETATM 332 O  O     . HOH F 5 . ? -6.924  7.346  -4.181  1.00 26.66 ? 39 HOH B O     1 
HETATM 333 O  O     . HOH F 5 . ? 6.205   0.002  4.640   1.00 30.59 ? 40 HOH B O     1 
HETATM 334 O  O     . HOH F 5 . ? -0.462  12.165 2.859   1.00 26.19 ? 41 HOH B O     1 
HETATM 335 O  O     . HOH F 5 . ? 1.737   1.052  -1.616  1.00 27.36 ? 42 HOH B O     1 
HETATM 336 O  O     . HOH F 5 . ? 0.819   4.765  -2.691  1.00 21.31 ? 45 HOH B O     1 
HETATM 337 O  O     . HOH F 5 . ? 10.316  0.312  1.000   1.00 38.36 ? 47 HOH B O     1 
HETATM 338 O  O     . HOH F 5 . ? -12.482 3.111  -5.809  1.00 29.90 ? 48 HOH B O     1 
HETATM 339 O  O     . HOH F 5 . ? -1.224  -7.427 -9.303  1.00 31.42 ? 49 HOH B O     1 
HETATM 340 O  O     . HOH F 5 . ? -5.664  2.007  9.039   1.00 33.96 ? 52 HOH B O     1 
HETATM 341 O  O     . HOH F 5 . ? 0.427   1.643  -3.855  1.00 34.23 ? 54 HOH B O     1 
HETATM 342 O  O     . HOH F 5 . ? -18.635 6.035  0.375   1.00 36.28 ? 59 HOH B O     1 
HETATM 343 O  O     . HOH F 5 . ? -10.120 3.972  1.356   1.00 22.42 ? 60 HOH B O     1 
HETATM 344 O  O     . HOH F 5 . ? -2.910  5.457  7.191   1.00 47.21 ? 61 HOH B O     1 
HETATM 345 O  O     . HOH F 5 . ? 10.240  -0.874 -6.606  1.00 24.30 ? 63 HOH B O     1 
HETATM 346 O  O     . HOH F 5 . ? -12.414 2.943  -9.853  1.00 47.49 ? 64 HOH B O     1 
HETATM 347 O  O     . HOH F 5 . ? -4.937  0.393  6.441   1.00 22.18 ? 67 HOH B O     1 
HETATM 348 O  O     . HOH F 5 . ? -3.431  10.004 2.809   1.00 41.53 ? 70 HOH B O     1 
HETATM 349 O  O     . HOH F 5 . ? -19.936 1.712  -2.671  1.00 49.36 ? 71 HOH B O     1 
HETATM 350 O  O     . HOH F 5 . ? -9.951  5.569  -8.273  1.00 57.54 ? 72 HOH B O     1 
HETATM 351 O  O     . HOH F 5 . ? -20.213 -1.524 -1.694  1.00 34.55 ? 75 HOH B O     1 
HETATM 352 O  O     . HOH F 5 . ? -18.977 3.227  -0.038  1.00 59.94 ? 76 HOH B O     1 
HETATM 353 O  O     . HOH F 5 . ? 3.016   8.905  -1.815  1.00 19.34 ? 80 HOH B O     1 
HETATM 354 O  O     . HOH F 5 . ? 6.212   7.060  -2.473  1.00 19.35 ? 81 HOH B O     1 
HETATM 355 O  O     . HOH F 5 . ? 4.236   5.532  -1.527  1.00 19.68 ? 82 HOH B O     1 
HETATM 356 O  O     . HOH F 5 . ? 4.983   9.746  -2.696  1.00 19.39 ? 83 HOH B O     1 
HETATM 357 O  O     . HOH F 5 . ? 3.956   7.844  -3.918  1.00 19.75 ? 84 HOH B O     1 
HETATM 358 O  O     . HOH F 5 . ? 4.880   8.243  -0.405  1.00 19.30 ? 85 HOH B O     1 
# 
